data_9EGO
#
_entry.id   9EGO
#
loop_
_entity.id
_entity.type
_entity.pdbx_description
1 polymer 'Guanine nucleotide-binding protein G(i) subunit alpha-1'
2 polymer 'Guanine nucleotide-binding protein G(I)/G(S)/G(T) subunit beta-1'
3 polymer 'Guanine nucleotide-binding protein G(I)/G(S)/G(O) subunit gamma-2'
4 polymer 'Cannabinoid receptor 1'
5 polymer scFv16
6 non-polymer 'methyl (2R)-2-({(1M)-5-methyl-1-[3-(trifluoromethyl)phenyl]-1H-pyrazole-3-carbonyl}amino)-2-(thiophen-2-yl)propanoate'
#
loop_
_entity_poly.entity_id
_entity_poly.type
_entity_poly.pdbx_seq_one_letter_code
_entity_poly.pdbx_strand_id
1 'polypeptide(L)'
;MGCTLSAEDKAAVERSKMIDRNLREDGEKAAREVKLLLLGAGESGKSTIVKQMKIIHEAGYSEEECKQYKAVVYSNTIQS
IIAIIRAMGRLKIDFGDSARADDARQLFVLAGAAEEGFMTAELAGVIKRLWKDSGVQACFNRSREYQLNDSAAYYLNDLD
RIAQPNYIPTQQDVLRTRVKTTGIVETHFTFKDLHFKMFDVGGQRSERKKWIHCFEGVTAIIFCVALSDYDLVLAEDEEM
NRMHESMKLFDSICNNKWFTDTSIILFLNKKDLFEEKIKKSPLTICYPEYAGSNTYEEAAAYIQCQFEDLNKRKDTKEIY
THFTCATDTKNVQFVFDAVTDVIIKNNLKDCGLF
;
A
2 'polypeptide(L)'
;PGSSGSELDQLRQEAEQLKNQIRDARKACADATLSQITNNIDPVGRIQMRTRRTLRGHLAKIYAMHWGTDSRLLVSASQD
GKLIIWDSYTTNKVHAIPLRSSWVMTCAYAPSGNYVACGGLDNICSIYNLKTREGNVRVSRELAGHTGYLSCCRFLDDNQ
IVTSSGDTTCALWDIETGQQTTTFTGHTGDVMSLSLAPDTRLFVSGACDASAKLWDVREGMCRQTFTGHESDINAICFFP
NGNAFATGSDDATCRLFDLRADQELMTYSHDNIICGITSVSFSKSGRLLLAGYDDFNCNVWDALKADRAGVLAGHDNRVS
CLGVTDDGMAVATGSWDSFLKIWN
;
B
3 'polypeptide(L)' MASNNTASIAQARKLVEQLKMEANIDRIKVSKAAADLMAYCEAHAKEDPLLTPVPASENPFREKKFFCAIL C
4 'polypeptide(L)'
;DYKDDDDAMKSILDGLADTTFRTITTDLLYVGSNDIQYEDIKGDMASKLGYFPQKFPLTSFRGSPFQEKMTAGDNPQLVP
ADQVNITEFYNKSLSENLYFQGSFKENEENIQCGENFMDIECFMVLNPSQQLAIAVLSLTLGTFTVLENLLVLCVILHSR
SLRCRPSYHFIGSLAVADLLGSVIFVYSFIDFHVFHRKDSRNVFLFKLGGVTASFTASVGSLFLTAIDRYISIHRPLAYK
RIVTRPKAVVAFCLMWTIAIVIAVLPLLGWNCEKLQSVCSDIFPHIDETYLMFWIGVTSVLLLFIVYAYMYILWKAHSHA
VRMIQRGTQKSIIIHTSEDGKVQVTRPDQARMDIRLAKTLVLILVVLIICWGPLLAIMVYDVFGKMNKLIKTVFAFCSML
CLLNSTVNPIIYALRSKDLRHAFRSMFPSCEGTAQPLDNSMGDSDCLHKHANNAASVHRAAESCIKSTVKIAKVTMSVST
DTSAEALGSHHHHHH
;
R
5 'polypeptide(L)'
;DVQLVESGGGLVQPGGSRKLSCSASGFAFSSFGMHWVRQAPEKGLEWVAYISSGSGTIYYADTVKGRFTISRDDPKNTLF
LQMTSLRSEDTAMYYCVRSIYYYGSSPFDFWGQGTTLTVSSGGGGSGGGGSGGGGSDIVMTQATSSVPVTPGESVSISCR
SSKSLLHSNGNTYLYWFLQRPGQSPQLLIYRMSNLASGVPDRFSGSGSGTAFTLTISRLEAEDVGVYYCMQHLEYPLTFG
AGTKLELKAAAHHHHHHHH
;
S
#
loop_
_chem_comp.id
_chem_comp.type
_chem_comp.name
_chem_comp.formula
YVF non-polymer 'methyl (2R)-2-({(1M)-5-methyl-1-[3-(trifluoromethyl)phenyl]-1H-pyrazole-3-carbonyl}amino)-2-(thiophen-2-yl)propanoate' 'C20 H18 F3 N3 O3 S'
#
# COMPACT_ATOMS: atom_id res chain seq x y z
N CYS A 3 22.01 -18.25 -12.14
CA CYS A 3 21.35 -17.24 -11.34
C CYS A 3 21.39 -15.90 -12.06
N THR A 4 22.51 -15.64 -12.74
CA THR A 4 22.77 -14.45 -13.57
C THR A 4 22.59 -13.15 -12.79
N LEU A 5 23.22 -13.07 -11.62
CA LEU A 5 23.28 -11.83 -10.85
C LEU A 5 24.72 -11.63 -10.38
N SER A 6 25.13 -10.36 -10.28
CA SER A 6 26.45 -10.01 -9.79
C SER A 6 26.52 -10.17 -8.28
N ALA A 7 27.70 -9.90 -7.72
CA ALA A 7 27.84 -9.95 -6.27
C ALA A 7 27.27 -8.71 -5.60
N GLU A 8 27.21 -7.57 -6.29
CA GLU A 8 26.47 -6.42 -5.78
C GLU A 8 24.98 -6.64 -5.88
N ASP A 9 24.50 -7.12 -7.04
CA ASP A 9 23.06 -7.26 -7.27
C ASP A 9 22.44 -8.40 -6.46
N LYS A 10 23.26 -9.30 -5.92
CA LYS A 10 22.78 -10.34 -5.03
C LYS A 10 22.66 -9.84 -3.59
N ALA A 11 23.32 -8.73 -3.27
CA ALA A 11 23.20 -8.09 -1.97
C ALA A 11 22.18 -6.97 -1.96
N ALA A 12 21.63 -6.62 -3.11
CA ALA A 12 20.56 -5.63 -3.22
C ALA A 12 19.18 -6.28 -3.23
N VAL A 13 19.10 -7.58 -2.97
CA VAL A 13 17.83 -8.23 -2.71
C VAL A 13 17.74 -8.71 -1.26
N GLU A 14 18.86 -8.93 -0.59
CA GLU A 14 18.85 -9.20 0.84
C GLU A 14 18.48 -7.93 1.61
N ARG A 15 18.81 -6.76 1.06
CA ARG A 15 18.39 -5.49 1.64
C ARG A 15 16.88 -5.29 1.51
N SER A 16 16.34 -5.58 0.33
CA SER A 16 14.92 -5.38 0.09
C SER A 16 14.05 -6.40 0.79
N LYS A 17 14.61 -7.51 1.27
CA LYS A 17 13.83 -8.49 2.00
C LYS A 17 13.93 -8.26 3.51
N MET A 18 14.86 -7.41 3.94
CA MET A 18 14.88 -7.01 5.33
C MET A 18 14.08 -5.73 5.56
N ILE A 19 13.66 -5.06 4.48
CA ILE A 19 12.78 -3.92 4.61
C ILE A 19 11.32 -4.37 4.73
N ASP A 20 10.94 -5.41 3.99
CA ASP A 20 9.60 -6.00 4.13
C ASP A 20 9.40 -6.69 5.46
N ARG A 21 10.47 -7.17 6.08
CA ARG A 21 10.35 -7.89 7.34
C ARG A 21 10.15 -6.94 8.52
N ASN A 22 10.41 -5.64 8.33
CA ASN A 22 10.06 -4.62 9.31
C ASN A 22 8.80 -3.87 8.94
N LEU A 23 8.44 -3.85 7.66
CA LEU A 23 7.22 -3.21 7.22
C LEU A 23 6.00 -4.07 7.49
N ARG A 24 6.19 -5.39 7.61
CA ARG A 24 5.11 -6.27 8.07
C ARG A 24 4.96 -6.24 9.58
N GLU A 25 6.09 -6.18 10.30
CA GLU A 25 6.05 -6.21 11.76
C GLU A 25 5.55 -4.91 12.38
N ASP A 26 5.27 -3.90 11.58
CA ASP A 26 4.54 -2.72 12.02
C ASP A 26 3.15 -2.63 11.40
N GLY A 27 2.54 -3.76 11.05
CA GLY A 27 1.21 -3.76 10.47
C GLY A 27 0.20 -4.61 11.21
N GLU A 28 0.65 -5.66 11.90
CA GLU A 28 -0.18 -6.32 12.91
C GLU A 28 -0.02 -5.68 14.27
N LYS A 29 0.93 -4.76 14.41
CA LYS A 29 1.05 -3.92 15.59
C LYS A 29 -0.02 -2.83 15.61
N ALA A 30 -0.56 -2.45 14.46
CA ALA A 30 -1.68 -1.53 14.38
C ALA A 30 -2.98 -2.20 13.94
N ALA A 31 -3.12 -3.51 14.17
CA ALA A 31 -4.42 -4.18 14.08
C ALA A 31 -4.98 -4.43 15.46
N ARG A 32 -4.32 -3.88 16.48
CA ARG A 32 -4.72 -3.98 17.87
C ARG A 32 -5.48 -2.78 18.35
N GLU A 33 -5.24 -1.61 17.74
CA GLU A 33 -5.66 -0.32 18.27
C GLU A 33 -6.97 0.12 17.62
N VAL A 34 -7.75 0.87 18.39
CA VAL A 34 -9.08 1.30 17.98
C VAL A 34 -9.00 2.79 17.63
N LYS A 35 -9.64 3.17 16.53
CA LYS A 35 -9.48 4.48 15.93
C LYS A 35 -10.83 5.20 15.96
N LEU A 36 -10.89 6.32 16.68
CA LEU A 36 -12.13 7.03 16.95
C LEU A 36 -12.04 8.46 16.43
N LEU A 37 -13.09 8.92 15.76
CA LEU A 37 -13.22 10.30 15.35
C LEU A 37 -14.14 11.05 16.30
N LEU A 38 -13.91 12.35 16.43
CA LEU A 38 -14.68 13.20 17.34
C LEU A 38 -15.22 14.39 16.55
N LEU A 39 -16.48 14.75 16.79
CA LEU A 39 -17.08 15.92 16.18
C LEU A 39 -17.91 16.72 17.17
N GLY A 40 -18.72 17.64 16.64
CA GLY A 40 -19.53 18.53 17.44
C GLY A 40 -19.14 19.98 17.21
N ALA A 41 -20.08 20.87 17.54
CA ALA A 41 -19.82 22.30 17.45
C ALA A 41 -18.85 22.72 18.56
N GLY A 42 -18.19 23.86 18.35
CA GLY A 42 -17.09 24.25 19.20
C GLY A 42 -17.44 24.84 20.55
N GLU A 43 -18.32 24.17 21.29
CA GLU A 43 -18.65 24.60 22.64
C GLU A 43 -17.62 24.07 23.63
N SER A 44 -17.93 24.20 24.92
CA SER A 44 -17.06 23.67 25.96
C SER A 44 -17.29 22.21 26.27
N GLY A 45 -18.13 21.52 25.48
CA GLY A 45 -18.39 20.11 25.74
C GLY A 45 -17.19 19.22 25.45
N LYS A 46 -16.35 19.63 24.50
CA LYS A 46 -15.15 18.86 24.16
C LYS A 46 -14.12 18.91 25.28
N SER A 47 -14.11 20.00 26.05
CA SER A 47 -13.09 20.19 27.07
C SER A 47 -13.25 19.21 28.22
N THR A 48 -14.49 18.82 28.53
CA THR A 48 -14.73 17.89 29.63
C THR A 48 -14.35 16.47 29.24
N ILE A 49 -14.63 16.09 28.00
CA ILE A 49 -14.48 14.69 27.57
C ILE A 49 -13.01 14.33 27.39
N VAL A 50 -12.21 15.25 26.85
CA VAL A 50 -10.79 15.00 26.68
C VAL A 50 -10.09 14.99 28.05
N LYS A 51 -10.57 15.81 28.98
CA LYS A 51 -9.91 15.91 30.29
C LYS A 51 -10.20 14.70 31.16
N GLN A 52 -11.32 14.03 30.93
CA GLN A 52 -11.73 12.93 31.80
C GLN A 52 -11.20 11.57 31.36
N MET A 53 -10.80 11.43 30.10
CA MET A 53 -10.34 10.15 29.58
C MET A 53 -8.83 9.99 29.63
N LYS A 54 -8.12 10.93 30.26
CA LYS A 54 -6.66 10.89 30.49
C LYS A 54 -5.83 10.80 29.21
N THR A 182 -1.95 21.66 14.71
CA THR A 182 -2.77 22.85 14.58
C THR A 182 -3.91 22.47 13.62
N GLY A 183 -3.70 21.40 12.88
CA GLY A 183 -4.72 20.89 11.99
C GLY A 183 -5.38 19.63 12.52
N ILE A 184 -4.59 18.69 13.04
CA ILE A 184 -5.10 17.48 13.65
C ILE A 184 -4.46 17.36 15.03
N VAL A 185 -5.28 17.05 16.04
CA VAL A 185 -4.81 16.79 17.39
C VAL A 185 -5.17 15.35 17.72
N GLU A 186 -4.19 14.58 18.21
CA GLU A 186 -4.38 13.17 18.51
C GLU A 186 -4.23 12.96 20.02
N THR A 187 -5.09 12.11 20.58
CA THR A 187 -5.05 11.75 21.99
C THR A 187 -5.13 10.24 22.12
N HIS A 188 -4.26 9.67 22.93
CA HIS A 188 -4.24 8.21 23.13
C HIS A 188 -4.44 7.90 24.61
N PHE A 189 -5.19 6.83 24.86
CA PHE A 189 -5.48 6.42 26.22
C PHE A 189 -5.75 4.92 26.26
N THR A 190 -5.53 4.32 27.43
CA THR A 190 -5.70 2.88 27.63
C THR A 190 -6.75 2.62 28.69
N PHE A 191 -7.49 1.52 28.53
CA PHE A 191 -8.52 1.14 29.50
C PHE A 191 -8.76 -0.35 29.38
N LYS A 192 -8.31 -1.12 30.38
CA LYS A 192 -8.39 -2.59 30.43
C LYS A 192 -7.73 -3.23 29.22
N ASP A 193 -6.42 -2.98 29.07
CA ASP A 193 -5.52 -3.57 28.09
C ASP A 193 -5.96 -3.35 26.65
N LEU A 194 -6.62 -2.23 26.35
CA LEU A 194 -7.06 -1.92 25.01
C LEU A 194 -6.60 -0.50 24.69
N HIS A 195 -6.23 -0.26 23.44
CA HIS A 195 -5.60 1.01 23.05
C HIS A 195 -6.53 1.78 22.12
N PHE A 196 -6.76 3.05 22.43
CA PHE A 196 -7.62 3.93 21.66
C PHE A 196 -6.81 5.12 21.15
N LYS A 197 -7.19 5.64 19.99
CA LYS A 197 -6.64 6.89 19.48
C LYS A 197 -7.79 7.76 19.01
N MET A 198 -7.77 9.04 19.37
CA MET A 198 -8.89 9.94 19.15
C MET A 198 -8.43 11.17 18.39
N PHE A 199 -9.24 11.60 17.41
CA PHE A 199 -8.82 12.57 16.39
C PHE A 199 -9.78 13.76 16.41
N ASP A 200 -9.32 14.89 16.92
CA ASP A 200 -10.11 16.12 16.88
C ASP A 200 -9.79 16.86 15.59
N VAL A 201 -10.81 17.18 14.81
CA VAL A 201 -10.63 17.76 13.49
C VAL A 201 -11.35 19.10 13.43
N GLY A 202 -11.60 19.69 14.60
CA GLY A 202 -12.33 20.94 14.69
C GLY A 202 -11.53 22.19 14.37
N GLY A 203 -10.20 22.10 14.33
CA GLY A 203 -9.35 23.26 14.11
C GLY A 203 -8.95 23.55 12.68
N GLN A 204 -9.73 23.09 11.70
CA GLN A 204 -9.32 23.19 10.30
C GLN A 204 -9.94 24.42 9.63
N ARG A 205 -11.28 24.54 9.69
CA ARG A 205 -12.06 25.68 9.19
C ARG A 205 -11.91 25.86 7.68
N SER A 206 -11.90 24.75 6.95
CA SER A 206 -11.87 24.75 5.49
C SER A 206 -13.02 23.88 4.98
N GLU A 207 -12.99 23.58 3.68
CA GLU A 207 -14.04 22.77 3.06
C GLU A 207 -13.99 21.34 3.56
N ARG A 208 -15.11 20.88 4.11
CA ARG A 208 -15.14 19.57 4.77
C ARG A 208 -15.20 18.43 3.77
N LYS A 209 -15.71 18.68 2.57
CA LYS A 209 -15.89 17.61 1.59
C LYS A 209 -14.60 17.21 0.88
N LYS A 210 -13.44 17.72 1.30
CA LYS A 210 -12.17 17.46 0.64
C LYS A 210 -11.20 16.68 1.49
N TRP A 211 -11.49 16.48 2.78
CA TRP A 211 -10.65 15.63 3.61
C TRP A 211 -11.43 14.61 4.41
N ILE A 212 -12.75 14.49 4.22
CA ILE A 212 -13.54 13.66 5.11
C ILE A 212 -13.48 12.20 4.67
N HIS A 213 -13.03 11.94 3.44
CA HIS A 213 -12.82 10.56 3.02
C HIS A 213 -11.51 9.97 3.53
N CYS A 214 -10.71 10.73 4.26
CA CYS A 214 -9.52 10.18 4.89
C CYS A 214 -9.86 9.31 6.08
N PHE A 215 -11.05 9.48 6.65
CA PHE A 215 -11.46 8.79 7.88
C PHE A 215 -12.42 7.66 7.62
N GLU A 216 -12.59 7.27 6.36
CA GLU A 216 -13.35 6.07 6.03
C GLU A 216 -12.65 4.83 6.57
N GLY A 217 -13.28 4.18 7.54
CA GLY A 217 -12.67 3.05 8.18
C GLY A 217 -12.34 3.22 9.64
N VAL A 218 -12.79 4.30 10.26
CA VAL A 218 -12.73 4.41 11.72
C VAL A 218 -13.82 3.52 12.32
N THR A 219 -13.65 3.16 13.59
CA THR A 219 -14.59 2.25 14.23
C THR A 219 -15.91 2.94 14.57
N ALA A 220 -15.84 4.07 15.28
CA ALA A 220 -17.05 4.74 15.70
C ALA A 220 -16.84 6.25 15.72
N ILE A 221 -17.91 6.98 15.43
CA ILE A 221 -17.91 8.43 15.49
C ILE A 221 -18.48 8.90 16.83
N ILE A 222 -17.78 9.82 17.48
CA ILE A 222 -18.27 10.38 18.74
C ILE A 222 -18.82 11.77 18.50
N PHE A 223 -20.09 11.98 18.84
CA PHE A 223 -20.76 13.26 18.65
C PHE A 223 -21.00 13.89 20.01
N CYS A 224 -21.12 15.22 20.03
CA CYS A 224 -21.26 15.94 21.29
C CYS A 224 -22.30 17.03 21.14
N VAL A 225 -23.31 17.02 22.03
CA VAL A 225 -24.38 18.00 22.02
C VAL A 225 -24.59 18.50 23.45
N ALA A 226 -24.72 19.81 23.60
CA ALA A 226 -25.02 20.45 24.87
C ALA A 226 -26.52 20.67 24.99
N LEU A 227 -27.12 20.17 26.09
CA LEU A 227 -28.57 20.21 26.26
C LEU A 227 -29.09 21.62 26.53
N SER A 228 -28.35 22.40 27.31
CA SER A 228 -28.87 23.66 27.85
C SER A 228 -28.99 24.78 26.83
N ASP A 229 -28.53 24.57 25.59
CA ASP A 229 -28.49 25.63 24.59
C ASP A 229 -29.74 25.67 23.73
N TYR A 230 -30.90 25.26 24.26
CA TYR A 230 -32.11 25.24 23.46
C TYR A 230 -32.70 26.63 23.25
N ASP A 231 -32.27 27.63 24.02
CA ASP A 231 -32.80 28.98 23.89
C ASP A 231 -31.79 30.02 23.42
N LEU A 232 -30.49 29.72 23.47
CA LEU A 232 -29.48 30.65 22.99
C LEU A 232 -29.51 30.76 21.46
N MET A 240 -33.11 29.05 20.15
CA MET A 240 -33.36 27.94 19.24
C MET A 240 -32.49 28.04 18.00
N ASN A 241 -31.54 28.98 18.02
CA ASN A 241 -30.63 29.12 16.90
C ASN A 241 -29.49 28.11 16.98
N ARG A 242 -29.06 27.76 18.20
CA ARG A 242 -27.94 26.84 18.34
C ARG A 242 -28.38 25.39 18.18
N MET A 243 -29.55 25.04 18.71
CA MET A 243 -29.97 23.64 18.74
C MET A 243 -30.33 23.13 17.35
N HIS A 244 -30.82 24.01 16.48
CA HIS A 244 -31.04 23.61 15.09
C HIS A 244 -29.73 23.48 14.33
N GLU A 245 -28.68 24.16 14.79
CA GLU A 245 -27.39 24.09 14.11
C GLU A 245 -26.71 22.74 14.37
N SER A 246 -26.90 22.19 15.56
CA SER A 246 -26.36 20.86 15.85
C SER A 246 -27.14 19.78 15.13
N MET A 247 -28.44 20.02 14.88
CA MET A 247 -29.24 19.07 14.11
C MET A 247 -28.85 19.11 12.64
N LYS A 248 -28.31 20.23 12.17
CA LYS A 248 -27.87 20.30 10.78
C LYS A 248 -26.57 19.54 10.58
N LEU A 249 -25.69 19.55 11.58
CA LEU A 249 -24.39 18.91 11.43
C LEU A 249 -24.48 17.42 11.76
N PHE A 250 -25.41 17.02 12.63
CA PHE A 250 -25.62 15.60 12.89
C PHE A 250 -26.22 14.91 11.66
N ASP A 251 -27.04 15.63 10.91
CA ASP A 251 -27.75 15.03 9.79
C ASP A 251 -26.83 14.85 8.59
N SER A 252 -25.79 15.67 8.50
CA SER A 252 -24.90 15.60 7.34
C SER A 252 -23.93 14.44 7.45
N ILE A 253 -23.46 14.13 8.66
CA ILE A 253 -22.45 13.07 8.81
C ILE A 253 -23.12 11.71 8.97
N CYS A 254 -24.36 11.68 9.48
CA CYS A 254 -25.05 10.40 9.69
C CYS A 254 -25.43 9.75 8.36
N ASN A 255 -25.56 10.54 7.30
CA ASN A 255 -26.02 10.05 6.02
C ASN A 255 -25.03 10.33 4.88
N ASN A 256 -23.74 10.44 5.19
CA ASN A 256 -22.74 10.51 4.13
C ASN A 256 -22.59 9.18 3.43
N LYS A 257 -22.04 9.24 2.22
CA LYS A 257 -21.75 8.03 1.46
C LYS A 257 -20.48 7.32 1.95
N TRP A 258 -19.72 7.93 2.85
CA TRP A 258 -18.51 7.32 3.36
C TRP A 258 -18.73 6.61 4.68
N PHE A 259 -19.86 6.84 5.34
CA PHE A 259 -20.12 6.33 6.68
C PHE A 259 -21.41 5.53 6.70
N THR A 260 -21.59 4.61 5.76
CA THR A 260 -22.82 3.85 5.69
C THR A 260 -22.90 2.77 6.77
N ASP A 261 -21.77 2.38 7.36
CA ASP A 261 -21.73 1.29 8.32
C ASP A 261 -20.88 1.65 9.54
N THR A 262 -21.10 2.83 10.12
CA THR A 262 -20.34 3.29 11.26
C THR A 262 -21.27 3.69 12.40
N SER A 263 -21.02 3.17 13.60
CA SER A 263 -21.86 3.43 14.75
C SER A 263 -21.57 4.83 15.29
N ILE A 264 -22.59 5.48 15.84
CA ILE A 264 -22.47 6.84 16.34
C ILE A 264 -22.74 6.81 17.83
N ILE A 265 -21.68 6.84 18.63
CA ILE A 265 -21.82 7.12 20.04
C ILE A 265 -22.22 8.58 20.22
N LEU A 266 -23.22 8.83 21.07
CA LEU A 266 -23.81 10.15 21.20
C LEU A 266 -23.82 10.54 22.66
N PHE A 267 -23.11 11.62 22.99
CA PHE A 267 -23.08 12.20 24.32
C PHE A 267 -24.00 13.40 24.40
N LEU A 268 -24.51 13.64 25.61
CA LEU A 268 -25.35 14.80 25.89
C LEU A 268 -24.85 15.44 27.17
N ASN A 269 -24.39 16.69 27.06
CA ASN A 269 -23.72 17.37 28.14
C ASN A 269 -24.64 18.39 28.79
N LYS A 270 -24.20 18.89 29.94
CA LYS A 270 -24.89 19.92 30.75
C LYS A 270 -26.29 19.45 31.18
N LYS A 271 -26.31 18.38 31.98
CA LYS A 271 -27.57 17.90 32.53
C LYS A 271 -27.93 18.62 33.82
N ASP A 272 -26.93 19.15 34.53
CA ASP A 272 -27.21 19.86 35.78
C ASP A 272 -27.75 21.25 35.51
N LEU A 273 -27.20 21.94 34.51
CA LEU A 273 -27.65 23.27 34.16
C LEU A 273 -28.95 23.23 33.37
N PHE A 274 -29.38 22.06 32.92
CA PHE A 274 -30.58 21.97 32.10
C PHE A 274 -31.84 22.04 32.96
N GLU A 275 -31.80 21.49 34.17
CA GLU A 275 -32.98 21.51 35.02
C GLU A 275 -33.20 22.87 35.68
N GLU A 276 -32.18 23.72 35.68
CA GLU A 276 -32.34 25.08 36.20
C GLU A 276 -33.10 25.96 35.22
N LYS A 277 -32.77 25.88 33.94
CA LYS A 277 -33.38 26.76 32.95
C LYS A 277 -34.78 26.30 32.56
N ILE A 278 -35.10 25.02 32.75
CA ILE A 278 -36.41 24.53 32.33
C ILE A 278 -37.50 24.95 33.30
N LYS A 279 -37.13 25.31 34.54
CA LYS A 279 -38.11 25.82 35.49
C LYS A 279 -38.51 27.25 35.20
N LYS A 280 -37.75 27.96 34.36
CA LYS A 280 -38.03 29.36 34.07
C LYS A 280 -38.47 29.54 32.62
N SER A 281 -37.86 28.82 31.70
CA SER A 281 -38.17 28.94 30.29
C SER A 281 -38.73 27.63 29.76
N PRO A 282 -39.90 27.63 29.12
CA PRO A 282 -40.46 26.37 28.62
C PRO A 282 -39.74 25.88 27.38
N LEU A 283 -40.01 24.62 27.03
CA LEU A 283 -39.42 23.99 25.85
C LEU A 283 -40.03 24.51 24.56
N THR A 284 -41.18 25.20 24.63
CA THR A 284 -41.88 25.66 23.43
C THR A 284 -41.15 26.81 22.72
N ILE A 285 -40.13 27.40 23.34
CA ILE A 285 -39.27 28.36 22.65
C ILE A 285 -38.48 27.65 21.56
N CYS A 286 -37.92 26.48 21.88
CA CYS A 286 -37.11 25.75 20.91
C CYS A 286 -37.99 24.94 19.96
N TYR A 287 -38.87 24.10 20.50
CA TYR A 287 -39.75 23.25 19.69
C TYR A 287 -41.18 23.71 19.85
N PRO A 288 -41.76 24.36 18.82
CA PRO A 288 -43.14 24.85 18.95
C PRO A 288 -44.19 23.75 18.97
N GLU A 289 -43.92 22.61 18.37
CA GLU A 289 -44.92 21.54 18.29
C GLU A 289 -44.92 20.63 19.51
N TYR A 290 -44.32 21.03 20.64
CA TYR A 290 -44.22 20.19 21.82
C TYR A 290 -45.54 20.23 22.59
N ALA A 291 -46.29 19.13 22.54
CA ALA A 291 -47.53 18.98 23.29
C ALA A 291 -47.35 18.30 24.64
N GLY A 292 -46.12 18.14 25.10
CA GLY A 292 -45.84 17.42 26.33
C GLY A 292 -46.11 18.23 27.58
N SER A 293 -45.54 17.74 28.68
CA SER A 293 -45.82 18.33 30.00
C SER A 293 -45.13 19.67 30.19
N ASN A 294 -43.82 19.72 29.88
CA ASN A 294 -42.71 20.66 30.21
C ASN A 294 -42.13 20.43 31.60
N THR A 295 -42.36 19.26 32.19
CA THR A 295 -41.58 18.83 33.35
C THR A 295 -40.19 18.38 32.91
N TYR A 296 -39.35 18.03 33.89
CA TYR A 296 -37.96 17.69 33.61
C TYR A 296 -37.82 16.38 32.85
N GLU A 297 -38.32 15.28 33.42
CA GLU A 297 -38.07 13.96 32.86
C GLU A 297 -38.82 13.73 31.56
N GLU A 298 -39.87 14.48 31.30
CA GLU A 298 -40.62 14.35 30.05
C GLU A 298 -40.12 15.28 28.95
N ALA A 299 -39.20 16.20 29.25
CA ALA A 299 -38.63 17.08 28.23
C ALA A 299 -37.29 16.55 27.72
N ALA A 300 -36.44 16.07 28.63
CA ALA A 300 -35.15 15.52 28.23
C ALA A 300 -35.31 14.24 27.42
N ALA A 301 -36.38 13.48 27.65
CA ALA A 301 -36.69 12.32 26.84
C ALA A 301 -37.28 12.68 25.49
N TYR A 302 -37.60 13.96 25.27
CA TYR A 302 -38.05 14.38 23.95
C TYR A 302 -36.88 14.79 23.08
N ILE A 303 -35.72 15.06 23.67
CA ILE A 303 -34.53 15.42 22.91
C ILE A 303 -33.94 14.19 22.22
N GLN A 304 -33.90 13.04 22.91
CA GLN A 304 -33.32 11.84 22.32
C GLN A 304 -34.13 11.32 21.14
N CYS A 305 -35.44 11.56 21.13
CA CYS A 305 -36.26 11.10 20.03
C CYS A 305 -36.02 11.96 18.78
N GLN A 306 -35.55 13.20 18.97
CA GLN A 306 -35.36 14.09 17.82
C GLN A 306 -34.07 13.79 17.07
N PHE A 307 -32.99 13.46 17.78
CA PHE A 307 -31.74 13.12 17.11
C PHE A 307 -31.83 11.76 16.42
N GLU A 308 -32.56 10.84 17.03
CA GLU A 308 -32.63 9.47 16.53
C GLU A 308 -33.69 9.27 15.47
N ASP A 309 -34.53 10.28 15.21
CA ASP A 309 -35.46 10.21 14.09
C ASP A 309 -34.85 10.70 12.79
N LEU A 310 -33.63 11.24 12.84
CA LEU A 310 -32.96 11.73 11.63
C LEU A 310 -32.24 10.61 10.88
N ASN A 311 -32.12 9.44 11.49
CA ASN A 311 -31.41 8.33 10.86
C ASN A 311 -32.26 7.73 9.76
N LYS A 312 -31.74 7.74 8.54
CA LYS A 312 -32.38 7.08 7.41
C LYS A 312 -31.67 5.80 7.01
N ARG A 313 -30.90 5.21 7.93
CA ARG A 313 -30.09 4.03 7.71
C ARG A 313 -30.35 3.02 8.82
N LYS A 314 -31.64 2.72 9.04
CA LYS A 314 -32.08 2.00 10.23
C LYS A 314 -31.60 0.55 10.25
N ASP A 315 -31.27 -0.01 9.10
CA ASP A 315 -30.94 -1.43 9.01
C ASP A 315 -29.44 -1.73 9.07
N THR A 316 -28.59 -0.73 9.33
CA THR A 316 -27.16 -0.95 9.33
C THR A 316 -26.45 -0.44 10.58
N LYS A 317 -26.85 0.70 11.12
CA LYS A 317 -26.08 1.40 12.14
C LYS A 317 -26.96 1.79 13.31
N GLU A 318 -26.32 2.04 14.45
CA GLU A 318 -27.03 2.22 15.72
C GLU A 318 -26.41 3.35 16.51
N ILE A 319 -27.23 3.98 17.37
CA ILE A 319 -26.83 5.11 18.20
C ILE A 319 -26.95 4.70 19.67
N TYR A 320 -25.94 5.02 20.47
CA TYR A 320 -25.90 4.69 21.91
C TYR A 320 -25.85 5.99 22.70
N THR A 321 -27.00 6.48 23.12
CA THR A 321 -27.03 7.69 23.92
C THR A 321 -26.64 7.37 25.37
N HIS A 322 -25.89 8.27 25.99
CA HIS A 322 -25.63 8.17 27.41
C HIS A 322 -25.49 9.57 27.98
N PHE A 323 -26.24 9.84 29.05
CA PHE A 323 -26.23 11.13 29.72
C PHE A 323 -24.93 11.28 30.49
N THR A 324 -24.31 12.44 30.37
CA THR A 324 -22.93 12.62 30.82
C THR A 324 -22.90 12.72 32.34
N CYS A 325 -22.76 11.58 33.00
CA CYS A 325 -22.55 11.49 34.44
C CYS A 325 -21.09 11.82 34.73
N ALA A 326 -20.83 13.11 34.96
CA ALA A 326 -19.48 13.64 34.98
C ALA A 326 -18.72 13.38 36.27
N THR A 327 -19.18 12.46 37.13
CA THR A 327 -18.53 12.28 38.42
C THR A 327 -17.57 11.10 38.48
N ASP A 328 -17.77 10.06 37.67
CA ASP A 328 -17.06 8.80 37.86
C ASP A 328 -16.46 8.34 36.54
N THR A 329 -15.92 7.12 36.55
CA THR A 329 -15.38 6.49 35.36
C THR A 329 -16.44 5.76 34.54
N LYS A 330 -17.71 6.06 34.76
CA LYS A 330 -18.81 5.52 33.97
C LYS A 330 -18.82 6.07 32.54
N ASN A 331 -18.12 7.17 32.29
CA ASN A 331 -18.07 7.77 30.96
C ASN A 331 -17.31 6.90 29.98
N VAL A 332 -16.31 6.16 30.47
CA VAL A 332 -15.35 5.51 29.58
C VAL A 332 -15.68 4.03 29.48
N GLN A 333 -16.73 3.59 30.19
CA GLN A 333 -17.03 2.17 30.29
C GLN A 333 -18.31 1.82 29.52
N PHE A 334 -19.27 2.73 29.50
CA PHE A 334 -20.18 2.78 28.38
C PHE A 334 -19.43 2.69 27.07
N VAL A 335 -18.47 3.60 26.85
CA VAL A 335 -17.69 3.67 25.61
C VAL A 335 -16.80 2.44 25.46
N PHE A 336 -16.39 1.84 26.58
CA PHE A 336 -15.77 0.52 26.49
C PHE A 336 -16.78 -0.54 26.06
N ASP A 337 -18.04 -0.41 26.47
CA ASP A 337 -19.00 -1.40 26.00
C ASP A 337 -19.42 -1.12 24.58
N ALA A 338 -19.42 0.13 24.16
CA ALA A 338 -19.92 0.44 22.83
C ALA A 338 -19.02 -0.06 21.72
N VAL A 339 -17.72 -0.28 21.99
CA VAL A 339 -16.83 -0.73 20.93
C VAL A 339 -16.71 -2.26 20.93
N THR A 340 -16.92 -2.92 22.08
CA THR A 340 -16.98 -4.38 22.05
C THR A 340 -18.25 -4.88 21.39
N ASP A 341 -19.28 -4.05 21.35
CA ASP A 341 -20.50 -4.42 20.66
C ASP A 341 -20.30 -4.38 19.16
N VAL A 342 -19.44 -3.49 18.68
CA VAL A 342 -19.37 -3.28 17.25
C VAL A 342 -18.25 -4.13 16.65
N ILE A 343 -17.31 -4.60 17.45
CA ILE A 343 -16.29 -5.51 16.94
C ILE A 343 -16.87 -6.92 16.79
N ILE A 344 -17.63 -7.36 17.79
CA ILE A 344 -18.30 -8.67 17.73
C ILE A 344 -19.32 -8.71 16.61
N LYS A 345 -20.05 -7.62 16.39
CA LYS A 345 -21.09 -7.65 15.38
C LYS A 345 -20.53 -7.34 14.00
N ASN A 346 -19.24 -7.02 13.90
CA ASN A 346 -18.57 -6.96 12.60
C ASN A 346 -18.00 -8.31 12.21
N ASN A 347 -17.53 -9.09 13.19
CA ASN A 347 -16.98 -10.40 12.88
C ASN A 347 -18.07 -11.38 12.47
N LEU A 348 -19.29 -11.17 12.96
CA LEU A 348 -20.41 -12.02 12.55
C LEU A 348 -20.98 -11.64 11.19
N LYS A 349 -20.37 -10.69 10.49
CA LYS A 349 -20.68 -10.43 9.09
C LYS A 349 -19.56 -10.86 8.18
N ASP A 350 -18.33 -10.94 8.68
CA ASP A 350 -17.20 -11.39 7.88
C ASP A 350 -17.24 -12.89 7.64
N CYS A 351 -17.73 -13.65 8.63
CA CYS A 351 -17.89 -15.08 8.41
C CYS A 351 -19.23 -15.43 7.76
N GLY A 352 -20.02 -14.44 7.37
CA GLY A 352 -21.25 -14.67 6.64
C GLY A 352 -22.38 -15.23 7.47
N LEU A 353 -22.27 -15.19 8.79
CA LEU A 353 -23.21 -15.91 9.65
C LEU A 353 -24.56 -15.22 9.71
N PHE A 354 -24.59 -13.90 9.84
CA PHE A 354 -25.84 -13.16 9.68
C PHE A 354 -26.27 -13.19 8.22
N GLU B 7 -20.41 55.53 -2.31
CA GLU B 7 -20.80 54.22 -1.80
C GLU B 7 -20.05 53.10 -2.53
N LEU B 8 -20.56 51.88 -2.40
CA LEU B 8 -19.98 50.73 -3.10
C LEU B 8 -20.66 50.45 -4.41
N ASP B 9 -21.64 51.27 -4.80
CA ASP B 9 -22.30 51.06 -6.09
C ASP B 9 -21.42 51.54 -7.24
N GLN B 10 -20.45 52.40 -6.95
CA GLN B 10 -19.51 52.85 -7.98
C GLN B 10 -18.50 51.78 -8.37
N LEU B 11 -18.41 50.69 -7.59
CA LEU B 11 -17.68 49.51 -8.01
C LEU B 11 -18.34 48.83 -9.20
N ARG B 12 -19.67 48.89 -9.27
CA ARG B 12 -20.44 47.98 -10.11
C ARG B 12 -20.28 48.28 -11.60
N GLN B 13 -20.16 49.56 -11.96
CA GLN B 13 -19.96 49.89 -13.37
C GLN B 13 -18.53 49.60 -13.81
N GLU B 14 -17.59 49.61 -12.87
CA GLU B 14 -16.20 49.32 -13.24
C GLU B 14 -15.98 47.83 -13.45
N ALA B 15 -16.62 47.00 -12.62
CA ALA B 15 -16.47 45.55 -12.78
C ALA B 15 -17.24 45.05 -14.00
N GLU B 16 -18.41 45.61 -14.27
CA GLU B 16 -19.26 45.07 -15.33
C GLU B 16 -18.77 45.47 -16.72
N GLN B 17 -18.14 46.64 -16.85
CA GLN B 17 -17.60 47.04 -18.14
C GLN B 17 -16.33 46.26 -18.47
N LEU B 18 -15.53 45.94 -17.45
CA LEU B 18 -14.27 45.23 -17.72
C LEU B 18 -14.52 43.75 -18.01
N LYS B 19 -15.55 43.16 -17.42
CA LYS B 19 -15.94 41.81 -17.80
C LYS B 19 -16.51 41.80 -19.22
N ASN B 20 -17.19 42.87 -19.61
CA ASN B 20 -17.72 42.94 -20.97
C ASN B 20 -16.64 43.29 -21.98
N GLN B 21 -15.58 43.96 -21.53
CA GLN B 21 -14.48 44.31 -22.44
C GLN B 21 -13.61 43.10 -22.75
N ILE B 22 -13.31 42.29 -21.73
CA ILE B 22 -12.50 41.09 -21.93
C ILE B 22 -13.23 40.08 -22.80
N ARG B 23 -14.54 39.96 -22.63
CA ARG B 23 -15.33 39.00 -23.40
C ARG B 23 -15.41 39.41 -24.86
N ASP B 24 -15.43 40.71 -25.14
CA ASP B 24 -15.46 41.18 -26.52
C ASP B 24 -14.09 41.05 -27.17
N ALA B 25 -13.03 41.08 -26.36
CA ALA B 25 -11.68 40.96 -26.91
C ALA B 25 -11.36 39.52 -27.30
N ARG B 26 -11.81 38.57 -26.49
CA ARG B 26 -11.57 37.16 -26.79
C ARG B 26 -12.41 36.68 -27.97
N LYS B 27 -13.65 37.17 -28.08
CA LYS B 27 -14.55 36.70 -29.13
C LYS B 27 -14.16 37.26 -30.49
N ALA B 28 -13.42 38.37 -30.53
CA ALA B 28 -13.02 38.96 -31.81
C ALA B 28 -11.97 38.12 -32.51
N CYS B 29 -11.09 37.45 -31.76
CA CYS B 29 -9.99 36.70 -32.37
C CYS B 29 -10.30 35.22 -32.55
N ALA B 30 -11.56 34.81 -32.48
CA ALA B 30 -11.94 33.41 -32.67
C ALA B 30 -12.31 33.21 -34.13
N ASP B 31 -11.28 32.93 -34.94
CA ASP B 31 -11.48 32.75 -36.37
C ASP B 31 -12.08 31.37 -36.67
N ALA B 32 -11.39 30.31 -36.29
CA ALA B 32 -11.86 28.95 -36.52
C ALA B 32 -11.42 28.06 -35.37
N THR B 33 -12.18 26.98 -35.17
CA THR B 33 -11.92 26.09 -34.05
C THR B 33 -10.80 25.11 -34.38
N LEU B 34 -10.31 24.43 -33.35
CA LEU B 34 -9.25 23.44 -33.52
C LEU B 34 -9.76 22.19 -34.24
N SER B 35 -11.05 21.88 -34.12
CA SER B 35 -11.60 20.71 -34.79
C SER B 35 -11.68 20.89 -36.29
N GLN B 36 -11.71 22.15 -36.75
CA GLN B 36 -11.92 22.40 -38.17
C GLN B 36 -10.65 22.20 -38.99
N ILE B 37 -9.51 22.66 -38.48
CA ILE B 37 -8.28 22.58 -39.26
C ILE B 37 -7.56 21.24 -39.13
N THR B 38 -7.95 20.41 -38.16
CA THR B 38 -7.19 19.22 -37.82
C THR B 38 -7.81 17.95 -38.42
N ASN B 39 -9.01 18.03 -39.01
CA ASN B 39 -9.67 16.84 -39.51
C ASN B 39 -9.02 16.27 -40.78
N ASN B 40 -8.05 16.96 -41.36
CA ASN B 40 -7.30 16.38 -42.47
C ASN B 40 -6.17 15.48 -41.99
N ILE B 41 -5.83 15.52 -40.70
CA ILE B 41 -4.71 14.74 -40.21
C ILE B 41 -5.15 13.28 -40.05
N ASP B 42 -4.17 12.38 -40.01
CA ASP B 42 -4.47 10.96 -39.91
C ASP B 42 -4.78 10.57 -38.46
N PRO B 43 -5.65 9.57 -38.26
CA PRO B 43 -5.96 9.14 -36.90
C PRO B 43 -4.82 8.38 -36.25
N VAL B 44 -4.87 8.32 -34.92
CA VAL B 44 -3.88 7.58 -34.14
C VAL B 44 -4.08 6.07 -34.26
N GLY B 45 -5.30 5.63 -34.58
CA GLY B 45 -5.57 4.21 -34.69
C GLY B 45 -6.13 3.61 -33.42
N ARG B 46 -5.49 2.54 -32.93
CA ARG B 46 -5.85 1.91 -31.68
C ARG B 46 -4.59 1.68 -30.87
N ILE B 47 -4.66 1.94 -29.57
CA ILE B 47 -3.52 1.84 -28.67
C ILE B 47 -3.83 0.79 -27.62
N GLN B 48 -2.95 -0.20 -27.49
CA GLN B 48 -3.11 -1.26 -26.51
C GLN B 48 -1.83 -1.41 -25.72
N MET B 49 -1.94 -1.22 -24.41
CA MET B 49 -0.79 -1.21 -23.52
C MET B 49 -1.02 -2.27 -22.45
N ARG B 50 0.08 -2.80 -21.90
CA ARG B 50 0.00 -3.93 -20.99
C ARG B 50 0.85 -3.70 -19.76
N THR B 51 0.53 -4.43 -18.70
CA THR B 51 1.19 -4.26 -17.40
C THR B 51 2.51 -4.99 -17.34
N ARG B 52 3.60 -4.25 -17.20
CA ARG B 52 4.93 -4.85 -17.20
C ARG B 52 5.46 -5.15 -15.81
N ARG B 53 5.14 -4.34 -14.81
CA ARG B 53 5.61 -4.57 -13.45
C ARG B 53 4.43 -4.39 -12.51
N THR B 54 4.59 -4.84 -11.28
CA THR B 54 3.59 -4.61 -10.24
C THR B 54 4.30 -4.52 -8.90
N LEU B 55 4.20 -3.35 -8.28
CA LEU B 55 5.01 -2.98 -7.13
C LEU B 55 4.16 -3.05 -5.88
N ARG B 56 4.57 -3.87 -4.92
CA ARG B 56 3.74 -4.21 -3.78
C ARG B 56 4.48 -3.95 -2.48
N GLY B 57 3.73 -3.62 -1.42
CA GLY B 57 4.32 -3.36 -0.13
C GLY B 57 3.63 -2.33 0.76
N HIS B 58 2.72 -1.53 0.20
CA HIS B 58 1.92 -0.62 1.03
C HIS B 58 0.70 -1.33 1.61
N LEU B 59 0.20 -0.80 2.72
CA LEU B 59 -0.88 -1.43 3.46
C LEU B 59 -2.11 -0.52 3.62
N ALA B 60 -2.22 0.54 2.84
CA ALA B 60 -3.35 1.46 2.92
C ALA B 60 -3.51 2.16 1.57
N LYS B 61 -4.32 3.20 1.54
CA LYS B 61 -4.59 3.90 0.29
C LYS B 61 -3.42 4.79 -0.10
N ILE B 62 -3.17 4.91 -1.40
CA ILE B 62 -2.04 5.67 -1.94
C ILE B 62 -2.57 6.98 -2.52
N TYR B 63 -1.96 8.10 -2.09
CA TYR B 63 -2.38 9.42 -2.50
C TYR B 63 -1.42 10.19 -3.40
N ALA B 64 -0.15 9.79 -3.49
CA ALA B 64 0.81 10.60 -4.24
C ALA B 64 1.94 9.73 -4.76
N MET B 65 2.63 10.25 -5.78
CA MET B 65 3.65 9.54 -6.54
C MET B 65 4.38 10.54 -7.44
N HIS B 66 5.69 10.37 -7.60
CA HIS B 66 6.48 11.25 -8.46
C HIS B 66 7.72 10.53 -8.97
N TRP B 67 7.92 10.55 -10.29
CA TRP B 67 9.11 9.97 -10.90
C TRP B 67 10.35 10.80 -10.61
N GLY B 68 11.50 10.13 -10.54
CA GLY B 68 12.77 10.80 -10.55
C GLY B 68 13.14 11.21 -11.95
N THR B 69 14.26 11.91 -12.06
CA THR B 69 14.63 12.49 -13.35
C THR B 69 15.54 11.59 -14.17
N ASP B 70 15.98 10.45 -13.65
CA ASP B 70 16.79 9.50 -14.40
C ASP B 70 15.97 8.37 -15.00
N SER B 71 14.65 8.46 -14.93
CA SER B 71 13.66 7.55 -15.49
C SER B 71 13.72 6.15 -14.91
N ARG B 72 14.28 5.96 -13.72
CA ARG B 72 14.35 4.65 -13.11
C ARG B 72 13.85 4.60 -11.67
N LEU B 73 14.00 5.68 -10.91
CA LEU B 73 13.57 5.73 -9.52
C LEU B 73 12.26 6.48 -9.38
N LEU B 74 11.49 6.14 -8.35
CA LEU B 74 10.27 6.88 -8.02
C LEU B 74 10.01 6.78 -6.52
N VAL B 75 8.98 7.49 -6.07
CA VAL B 75 8.67 7.67 -4.66
C VAL B 75 7.15 7.63 -4.50
N SER B 76 6.68 7.18 -3.34
CA SER B 76 5.25 7.05 -3.11
C SER B 76 4.94 7.14 -1.63
N ALA B 77 3.73 7.59 -1.31
CA ALA B 77 3.29 7.87 0.05
C ALA B 77 1.88 7.35 0.27
N SER B 78 1.65 6.71 1.42
CA SER B 78 0.35 6.16 1.75
C SER B 78 -0.09 6.66 3.12
N GLN B 79 -1.29 6.23 3.54
CA GLN B 79 -1.84 6.67 4.82
C GLN B 79 -1.26 5.93 6.01
N ASP B 80 -0.51 4.86 5.80
CA ASP B 80 0.40 4.42 6.83
C ASP B 80 1.56 5.41 6.90
N GLY B 81 2.26 5.43 8.02
CA GLY B 81 3.34 6.40 8.14
C GLY B 81 4.61 6.07 7.39
N LYS B 82 4.51 5.77 6.09
CA LYS B 82 5.61 5.28 5.28
C LYS B 82 5.76 6.10 4.01
N LEU B 83 7.00 6.25 3.56
CA LEU B 83 7.35 6.85 2.29
C LEU B 83 8.46 5.98 1.70
N ILE B 84 8.22 5.39 0.53
CA ILE B 84 9.07 4.32 -0.01
C ILE B 84 9.63 4.72 -1.36
N ILE B 85 10.93 4.51 -1.55
CA ILE B 85 11.62 4.78 -2.83
C ILE B 85 11.89 3.45 -3.55
N TRP B 86 11.40 3.34 -4.77
CA TRP B 86 11.40 2.10 -5.53
C TRP B 86 12.46 2.13 -6.63
N ASP B 87 12.88 0.95 -7.06
CA ASP B 87 13.67 0.76 -8.27
C ASP B 87 12.75 0.11 -9.31
N SER B 88 12.44 0.84 -10.38
CA SER B 88 11.37 0.37 -11.24
C SER B 88 11.78 -0.73 -12.22
N TYR B 89 13.08 -1.01 -12.37
CA TYR B 89 13.48 -2.09 -13.28
C TYR B 89 13.46 -3.44 -12.59
N THR B 90 13.96 -3.51 -11.36
CA THR B 90 14.12 -4.78 -10.66
C THR B 90 13.10 -4.96 -9.54
N THR B 91 12.19 -3.99 -9.35
CA THR B 91 11.18 -3.93 -8.30
C THR B 91 11.76 -4.04 -6.89
N ASN B 92 12.95 -3.49 -6.67
CA ASN B 92 13.56 -3.55 -5.34
C ASN B 92 13.26 -2.28 -4.57
N LYS B 93 13.33 -2.40 -3.24
CA LYS B 93 13.18 -1.26 -2.35
C LYS B 93 14.55 -0.73 -1.96
N VAL B 94 14.71 0.59 -1.99
CA VAL B 94 15.98 1.22 -1.67
C VAL B 94 15.97 1.83 -0.28
N HIS B 95 14.94 2.62 0.03
CA HIS B 95 14.77 3.28 1.32
C HIS B 95 13.34 3.09 1.78
N ALA B 96 13.12 3.22 3.09
CA ALA B 96 11.78 3.29 3.68
C ALA B 96 11.82 4.23 4.87
N ILE B 97 10.95 5.23 4.88
CA ILE B 97 11.07 6.38 5.76
C ILE B 97 9.86 6.43 6.68
N PRO B 98 10.03 6.45 8.01
CA PRO B 98 8.88 6.60 8.91
C PRO B 98 8.50 8.06 9.15
N LEU B 99 7.21 8.35 9.09
CA LEU B 99 6.71 9.72 9.17
C LEU B 99 6.23 10.06 10.57
N ARG B 100 6.07 11.36 10.81
CA ARG B 100 5.60 11.85 12.11
C ARG B 100 4.09 11.95 12.16
N SER B 101 3.47 12.39 11.07
CA SER B 101 2.02 12.42 10.93
C SER B 101 1.61 11.48 9.81
N SER B 102 0.48 10.82 9.99
CA SER B 102 0.03 9.79 9.05
C SER B 102 -0.93 10.31 8.00
N TRP B 103 -1.29 11.60 8.03
CA TRP B 103 -2.34 12.11 7.15
C TRP B 103 -1.71 12.85 5.97
N VAL B 104 -1.21 12.07 5.03
CA VAL B 104 -0.31 12.53 3.97
C VAL B 104 -1.06 12.64 2.66
N MET B 105 -0.86 13.76 1.95
CA MET B 105 -1.55 14.01 0.69
C MET B 105 -0.65 14.42 -0.47
N THR B 106 0.66 14.60 -0.27
CA THR B 106 1.59 15.11 -1.29
C THR B 106 2.93 14.42 -1.19
N CYS B 107 3.68 14.40 -2.31
CA CYS B 107 5.10 14.10 -2.34
C CYS B 107 5.70 14.63 -3.64
N ALA B 108 7.00 14.87 -3.62
CA ALA B 108 7.73 15.37 -4.78
C ALA B 108 9.18 14.95 -4.69
N TYR B 109 9.80 14.75 -5.85
CA TYR B 109 11.19 14.31 -5.94
C TYR B 109 12.03 15.48 -6.43
N ALA B 110 13.25 15.61 -5.91
CA ALA B 110 14.14 16.70 -6.29
C ALA B 110 14.65 16.51 -7.72
N PRO B 111 14.99 17.61 -8.42
CA PRO B 111 15.53 17.45 -9.78
C PRO B 111 16.95 16.91 -9.81
N SER B 112 17.74 17.12 -8.76
CA SER B 112 19.06 16.53 -8.69
C SER B 112 19.06 15.15 -8.05
N GLY B 113 17.89 14.63 -7.66
CA GLY B 113 17.81 13.33 -7.03
C GLY B 113 18.42 13.29 -5.66
N ASN B 114 18.34 14.38 -4.91
CA ASN B 114 19.09 14.55 -3.68
C ASN B 114 18.18 14.73 -2.47
N TYR B 115 17.00 15.31 -2.64
CA TYR B 115 16.05 15.51 -1.56
C TYR B 115 14.70 14.92 -1.93
N VAL B 116 13.78 14.93 -0.98
CA VAL B 116 12.39 14.53 -1.19
C VAL B 116 11.53 15.29 -0.17
N ALA B 117 10.30 15.63 -0.56
CA ALA B 117 9.41 16.46 0.25
C ALA B 117 8.06 15.78 0.45
N CYS B 118 7.34 16.19 1.49
CA CYS B 118 6.11 15.53 1.91
C CYS B 118 5.30 16.44 2.83
N GLY B 119 3.97 16.33 2.74
CA GLY B 119 3.09 17.08 3.62
C GLY B 119 1.62 16.79 3.51
N GLY B 120 0.83 17.12 4.54
CA GLY B 120 -0.59 16.81 4.56
C GLY B 120 -1.40 17.70 5.48
N LEU B 121 -2.33 17.09 6.23
CA LEU B 121 -3.26 17.80 7.11
C LEU B 121 -2.61 18.47 8.32
N ASP B 122 -1.35 18.20 8.61
CA ASP B 122 -0.69 18.83 9.75
C ASP B 122 -0.06 20.18 9.42
N ASN B 123 -0.38 20.75 8.25
CA ASN B 123 -0.08 22.11 7.82
C ASN B 123 1.41 22.39 7.63
N ILE B 124 2.24 21.35 7.51
CA ILE B 124 3.70 21.49 7.45
C ILE B 124 4.21 20.73 6.24
N CYS B 125 5.18 21.33 5.53
CA CYS B 125 5.93 20.67 4.48
C CYS B 125 7.31 20.33 5.02
N SER B 126 7.72 19.07 4.87
CA SER B 126 8.96 18.60 5.47
C SER B 126 9.92 18.13 4.39
N ILE B 127 11.22 18.30 4.66
CA ILE B 127 12.29 18.03 3.70
C ILE B 127 13.14 16.91 4.25
N TYR B 128 13.51 15.94 3.40
CA TYR B 128 14.34 14.81 3.80
C TYR B 128 15.62 14.75 2.98
N ASN B 129 16.69 14.28 3.60
CA ASN B 129 18.03 14.25 3.01
C ASN B 129 18.45 12.80 2.80
N LEU B 130 18.76 12.44 1.55
CA LEU B 130 19.02 11.06 1.20
C LEU B 130 20.51 10.70 1.18
N LYS B 131 21.40 11.68 1.30
CA LYS B 131 22.82 11.46 1.05
C LYS B 131 23.70 11.79 2.25
N THR B 132 23.36 11.30 3.44
CA THR B 132 24.14 11.65 4.62
C THR B 132 25.43 10.82 4.67
N ARG B 133 26.17 10.99 5.76
CA ARG B 133 27.41 10.25 6.03
C ARG B 133 27.22 9.08 6.97
N GLU B 134 26.00 8.82 7.44
CA GLU B 134 25.75 7.73 8.36
C GLU B 134 24.90 6.62 7.77
N GLY B 135 24.20 6.87 6.68
CA GLY B 135 23.39 5.84 6.06
C GLY B 135 21.91 5.92 6.35
N ASN B 136 21.45 6.97 7.02
CA ASN B 136 20.04 7.17 7.33
C ASN B 136 19.50 8.36 6.57
N VAL B 137 18.21 8.30 6.26
CA VAL B 137 17.52 9.49 5.77
C VAL B 137 17.04 10.30 6.97
N ARG B 138 17.44 11.57 7.02
CA ARG B 138 17.09 12.45 8.12
C ARG B 138 16.23 13.60 7.62
N VAL B 139 15.68 14.36 8.57
CA VAL B 139 15.00 15.61 8.26
C VAL B 139 16.03 16.71 8.16
N SER B 140 15.74 17.71 7.35
CA SER B 140 16.57 18.89 7.29
C SER B 140 15.82 20.18 7.60
N ARG B 141 14.57 20.31 7.18
CA ARG B 141 13.76 21.48 7.46
C ARG B 141 12.32 21.08 7.71
N GLU B 142 11.60 21.93 8.43
CA GLU B 142 10.15 21.88 8.54
C GLU B 142 9.61 23.28 8.32
N LEU B 143 8.71 23.42 7.36
CA LEU B 143 8.31 24.73 6.85
C LEU B 143 6.86 24.99 7.27
N ALA B 144 6.66 25.92 8.20
CA ALA B 144 5.36 26.19 8.79
C ALA B 144 4.90 27.60 8.45
N GLY B 145 3.59 27.78 8.38
CA GLY B 145 3.04 29.08 8.06
C GLY B 145 1.75 29.11 7.26
N HIS B 146 1.30 27.97 6.76
CA HIS B 146 -0.02 27.88 6.18
C HIS B 146 -1.06 27.62 7.26
N THR B 147 -2.31 27.95 6.96
CA THR B 147 -3.43 27.77 7.87
C THR B 147 -4.44 26.80 7.28
N GLY B 148 -3.97 25.88 6.44
CA GLY B 148 -4.83 24.92 5.79
C GLY B 148 -3.98 23.77 5.27
N TYR B 149 -4.66 22.70 4.87
CA TYR B 149 -3.96 21.49 4.46
C TYR B 149 -3.18 21.73 3.17
N LEU B 150 -1.96 21.21 3.12
CA LEU B 150 -1.15 21.30 1.92
C LEU B 150 -1.72 20.39 0.85
N SER B 151 -1.86 20.93 -0.35
CA SER B 151 -2.46 20.20 -1.44
C SER B 151 -1.46 19.79 -2.53
N CYS B 152 -0.34 20.51 -2.67
CA CYS B 152 0.69 20.16 -3.63
C CYS B 152 2.00 20.82 -3.21
N CYS B 153 3.10 20.41 -3.87
CA CYS B 153 4.44 20.94 -3.66
C CYS B 153 5.34 20.50 -4.82
N ARG B 154 6.22 21.41 -5.26
CA ARG B 154 7.15 21.20 -6.37
C ARG B 154 8.43 21.99 -6.11
N PHE B 155 9.58 21.42 -6.45
CA PHE B 155 10.87 22.07 -6.28
C PHE B 155 11.22 22.88 -7.53
N LEU B 156 12.00 23.94 -7.35
CA LEU B 156 12.62 24.67 -8.44
C LEU B 156 14.09 24.29 -8.59
N ASP B 157 14.80 24.24 -7.47
CA ASP B 157 16.18 23.78 -7.40
C ASP B 157 16.38 23.16 -6.02
N ASP B 158 17.62 23.03 -5.58
CA ASP B 158 17.88 22.47 -4.26
C ASP B 158 17.59 23.42 -3.11
N ASN B 159 17.08 24.64 -3.36
CA ASN B 159 16.90 25.60 -2.29
C ASN B 159 15.56 26.35 -2.36
N GLN B 160 14.73 26.12 -3.36
CA GLN B 160 13.46 26.84 -3.46
C GLN B 160 12.34 25.86 -3.74
N ILE B 161 11.19 26.07 -3.09
CA ILE B 161 10.03 25.20 -3.22
C ILE B 161 8.75 26.04 -3.22
N VAL B 162 7.84 25.70 -4.13
CA VAL B 162 6.53 26.35 -4.26
C VAL B 162 5.47 25.42 -3.71
N THR B 163 4.64 25.92 -2.79
CA THR B 163 3.61 25.11 -2.15
C THR B 163 2.24 25.62 -2.53
N SER B 164 1.23 24.97 -1.96
CA SER B 164 -0.16 25.19 -2.28
C SER B 164 -1.01 24.63 -1.16
N SER B 165 -1.89 25.44 -0.58
CA SER B 165 -2.71 24.97 0.51
C SER B 165 -4.16 25.37 0.30
N GLY B 166 -5.02 24.79 1.12
CA GLY B 166 -6.45 24.99 1.10
C GLY B 166 -6.94 26.22 1.81
N ASP B 167 -6.07 27.18 2.10
CA ASP B 167 -6.49 28.48 2.64
C ASP B 167 -6.42 29.58 1.60
N THR B 168 -6.67 29.24 0.33
CA THR B 168 -6.71 30.11 -0.85
C THR B 168 -5.38 30.79 -1.14
N THR B 169 -4.23 30.17 -0.84
CA THR B 169 -2.95 30.86 -0.85
C THR B 169 -1.84 29.94 -1.35
N CYS B 170 -1.10 30.39 -2.36
CA CYS B 170 0.14 29.76 -2.79
C CYS B 170 1.33 30.52 -2.20
N ALA B 171 2.50 29.89 -2.17
CA ALA B 171 3.64 30.46 -1.46
C ALA B 171 4.96 30.01 -2.08
N LEU B 172 5.99 30.86 -1.96
CA LEU B 172 7.32 30.52 -2.38
C LEU B 172 8.28 30.59 -1.20
N TRP B 173 9.10 29.57 -1.04
CA TRP B 173 9.88 29.39 0.17
C TRP B 173 11.38 29.50 -0.12
N ASP B 174 12.15 29.58 0.96
CA ASP B 174 13.59 29.40 0.93
C ASP B 174 13.92 28.34 1.97
N ILE B 175 14.56 27.25 1.52
CA ILE B 175 14.80 26.13 2.41
C ILE B 175 15.97 26.40 3.34
N GLU B 176 16.94 27.21 2.91
CA GLU B 176 18.16 27.39 3.69
C GLU B 176 17.91 28.26 4.92
N THR B 177 17.06 29.28 4.77
CA THR B 177 16.72 30.14 5.89
C THR B 177 15.44 29.74 6.60
N GLY B 178 14.40 29.38 5.86
CA GLY B 178 13.16 28.92 6.46
C GLY B 178 11.96 29.80 6.20
N GLN B 179 12.16 31.04 5.78
CA GLN B 179 11.10 32.02 5.69
C GLN B 179 10.56 32.05 4.27
N GLN B 180 9.25 32.26 4.12
CA GLN B 180 8.67 32.42 2.81
C GLN B 180 8.88 33.84 2.30
N THR B 181 9.19 33.97 1.01
CA THR B 181 9.61 35.24 0.44
C THR B 181 8.58 35.85 -0.49
N THR B 182 7.58 35.10 -0.91
CA THR B 182 6.55 35.62 -1.79
C THR B 182 5.25 34.87 -1.49
N THR B 183 4.14 35.60 -1.50
CA THR B 183 2.82 35.04 -1.23
C THR B 183 1.91 35.42 -2.37
N PHE B 184 1.16 34.45 -2.90
CA PHE B 184 0.33 34.63 -4.08
C PHE B 184 -1.13 34.55 -3.68
N THR B 185 -1.85 35.67 -3.80
CA THR B 185 -3.22 35.77 -3.32
C THR B 185 -4.15 36.16 -4.46
N GLY B 186 -5.40 35.71 -4.37
CA GLY B 186 -6.38 36.05 -5.40
C GLY B 186 -7.44 35.01 -5.70
N HIS B 187 -7.30 33.79 -5.20
CA HIS B 187 -8.37 32.80 -5.30
C HIS B 187 -9.39 33.00 -4.20
N THR B 188 -10.63 32.58 -4.46
CA THR B 188 -11.69 32.65 -3.47
C THR B 188 -12.13 31.27 -2.97
N GLY B 189 -11.45 30.21 -3.42
CA GLY B 189 -11.70 28.87 -2.91
C GLY B 189 -10.42 28.10 -2.68
N ASP B 190 -10.52 26.87 -2.20
CA ASP B 190 -9.34 26.09 -1.84
C ASP B 190 -8.57 25.68 -3.08
N VAL B 191 -7.24 25.80 -3.01
CA VAL B 191 -6.36 25.56 -4.14
C VAL B 191 -5.95 24.10 -4.13
N MET B 192 -6.11 23.41 -5.26
CA MET B 192 -5.94 21.97 -5.31
C MET B 192 -4.65 21.48 -5.96
N SER B 193 -4.09 22.20 -6.92
CA SER B 193 -2.96 21.67 -7.66
C SER B 193 -2.16 22.80 -8.29
N LEU B 194 -1.00 22.44 -8.83
CA LEU B 194 -0.14 23.35 -9.57
C LEU B 194 0.75 22.54 -10.48
N SER B 195 1.40 23.23 -11.41
CA SER B 195 2.38 22.62 -12.30
C SER B 195 3.32 23.70 -12.82
N LEU B 196 4.62 23.46 -12.72
CA LEU B 196 5.62 24.40 -13.19
C LEU B 196 5.70 24.40 -14.72
N ALA B 197 6.56 25.26 -15.23
CA ALA B 197 6.79 25.39 -16.65
C ALA B 197 8.09 24.69 -17.03
N PRO B 198 8.29 24.37 -18.31
CA PRO B 198 9.58 23.80 -18.72
C PRO B 198 10.77 24.75 -18.55
N ASP B 199 10.61 26.04 -18.78
CA ASP B 199 11.71 26.98 -18.56
C ASP B 199 11.83 27.45 -17.11
N THR B 200 10.90 27.03 -16.25
CA THR B 200 10.93 27.24 -14.80
C THR B 200 10.88 28.72 -14.45
N ARG B 201 9.87 29.42 -15.01
CA ARG B 201 9.63 30.81 -14.66
C ARG B 201 8.17 31.14 -14.39
N LEU B 202 7.22 30.31 -14.81
CA LEU B 202 5.80 30.55 -14.59
C LEU B 202 5.17 29.28 -14.04
N PHE B 203 3.99 29.40 -13.44
CA PHE B 203 3.25 28.21 -13.03
C PHE B 203 1.76 28.52 -13.00
N VAL B 204 0.96 27.52 -13.34
CA VAL B 204 -0.49 27.63 -13.28
C VAL B 204 -1.00 26.96 -12.02
N SER B 205 -2.26 27.21 -11.69
CA SER B 205 -2.86 26.78 -10.43
C SER B 205 -4.37 26.71 -10.59
N GLY B 206 -4.97 25.68 -10.04
CA GLY B 206 -6.41 25.48 -10.18
C GLY B 206 -7.07 25.25 -8.83
N ALA B 207 -8.25 25.85 -8.66
CA ALA B 207 -8.89 25.89 -7.36
C ALA B 207 -10.37 25.57 -7.48
N CYS B 208 -11.06 25.65 -6.33
CA CYS B 208 -12.48 25.35 -6.20
C CYS B 208 -13.40 26.41 -6.78
N ASP B 209 -12.85 27.47 -7.37
CA ASP B 209 -13.64 28.55 -7.95
C ASP B 209 -14.16 28.22 -9.34
N ALA B 210 -13.81 27.04 -9.88
CA ALA B 210 -13.88 26.72 -11.31
C ALA B 210 -13.15 27.78 -12.13
N SER B 211 -11.94 28.12 -11.71
CA SER B 211 -11.09 29.06 -12.42
C SER B 211 -9.64 28.69 -12.20
N ALA B 212 -8.80 28.98 -13.19
CA ALA B 212 -7.37 28.70 -13.15
C ALA B 212 -6.61 29.96 -13.51
N LYS B 213 -5.50 30.20 -12.82
CA LYS B 213 -4.76 31.44 -12.96
C LYS B 213 -3.32 31.17 -13.38
N LEU B 214 -2.72 32.13 -14.06
CA LEU B 214 -1.31 32.10 -14.42
C LEU B 214 -0.56 33.07 -13.53
N TRP B 215 0.48 32.59 -12.85
CA TRP B 215 1.23 33.36 -11.87
C TRP B 215 2.61 33.66 -12.41
N ASP B 216 3.20 34.76 -11.98
CA ASP B 216 4.60 35.08 -12.28
C ASP B 216 5.45 34.85 -11.04
N VAL B 217 6.57 34.16 -11.21
CA VAL B 217 7.37 33.74 -10.06
C VAL B 217 8.21 34.89 -9.52
N ARG B 218 8.80 35.69 -10.41
CA ARG B 218 9.73 36.73 -9.99
C ARG B 218 9.05 38.04 -9.63
N GLU B 219 7.99 38.42 -10.34
CA GLU B 219 7.26 39.63 -9.99
C GLU B 219 6.24 39.41 -8.88
N GLY B 220 5.79 38.18 -8.69
CA GLY B 220 4.92 37.87 -7.56
C GLY B 220 3.49 38.31 -7.74
N MET B 221 2.96 38.24 -8.95
CA MET B 221 1.62 38.73 -9.22
C MET B 221 0.94 37.84 -10.25
N CYS B 222 -0.40 37.84 -10.23
CA CYS B 222 -1.17 37.14 -11.23
C CYS B 222 -1.12 37.90 -12.55
N ARG B 223 -1.31 37.18 -13.64
CA ARG B 223 -1.25 37.79 -14.96
C ARG B 223 -2.47 37.51 -15.83
N GLN B 224 -3.02 36.30 -15.77
CA GLN B 224 -4.17 35.93 -16.59
C GLN B 224 -5.08 35.02 -15.77
N THR B 225 -6.35 34.93 -16.18
CA THR B 225 -7.30 34.03 -15.54
C THR B 225 -8.20 33.38 -16.58
N PHE B 226 -8.50 32.09 -16.37
CA PHE B 226 -9.21 31.26 -17.32
C PHE B 226 -10.44 30.68 -16.65
N THR B 227 -11.58 30.75 -17.31
CA THR B 227 -12.84 30.25 -16.78
C THR B 227 -13.49 29.30 -17.79
N GLY B 228 -14.44 28.52 -17.31
CA GLY B 228 -15.17 27.62 -18.17
C GLY B 228 -15.64 26.32 -17.58
N HIS B 229 -15.02 25.85 -16.50
CA HIS B 229 -15.54 24.67 -15.82
C HIS B 229 -16.75 25.03 -14.96
N GLU B 230 -17.41 23.98 -14.48
CA GLU B 230 -18.66 24.12 -13.75
C GLU B 230 -18.57 23.63 -12.31
N SER B 231 -17.42 23.15 -11.88
CA SER B 231 -17.24 22.64 -10.52
C SER B 231 -15.76 22.73 -10.19
N ASP B 232 -15.37 22.05 -9.11
CA ASP B 232 -13.99 22.10 -8.63
C ASP B 232 -13.03 21.48 -9.64
N ILE B 233 -11.80 22.00 -9.63
CA ILE B 233 -10.70 21.49 -10.46
C ILE B 233 -9.76 20.69 -9.58
N ASN B 234 -9.52 19.44 -9.96
CA ASN B 234 -8.74 18.50 -9.16
C ASN B 234 -7.31 18.30 -9.66
N ALA B 235 -7.05 18.54 -10.94
CA ALA B 235 -5.76 18.24 -11.53
C ALA B 235 -5.45 19.19 -12.67
N ILE B 236 -4.17 19.46 -12.88
CA ILE B 236 -3.71 20.38 -13.92
C ILE B 236 -2.31 19.93 -14.38
N CYS B 237 -1.99 20.21 -15.65
CA CYS B 237 -0.75 19.75 -16.24
C CYS B 237 -0.39 20.66 -17.40
N PHE B 238 0.90 20.76 -17.70
CA PHE B 238 1.44 21.80 -18.58
C PHE B 238 1.95 21.14 -19.86
N PHE B 239 1.62 21.71 -21.01
CA PHE B 239 1.99 21.16 -22.31
C PHE B 239 3.50 21.28 -22.52
N PRO B 240 4.13 20.31 -23.21
CA PRO B 240 5.60 20.31 -23.33
C PRO B 240 6.19 21.46 -24.13
N ASN B 241 5.41 22.12 -24.98
CA ASN B 241 5.89 23.34 -25.62
C ASN B 241 6.08 24.44 -24.59
N GLY B 242 5.17 24.54 -23.63
CA GLY B 242 5.14 25.62 -22.69
C GLY B 242 4.07 26.66 -22.94
N ASN B 243 3.09 26.39 -23.80
CA ASN B 243 2.17 27.40 -24.27
C ASN B 243 0.74 26.88 -24.35
N ALA B 244 0.41 25.89 -23.53
CA ALA B 244 -0.94 25.37 -23.35
C ALA B 244 -0.97 24.61 -22.04
N PHE B 245 -2.17 24.32 -21.55
CA PHE B 245 -2.31 23.41 -20.42
C PHE B 245 -3.65 22.72 -20.49
N ALA B 246 -3.84 21.74 -19.62
CA ALA B 246 -5.06 20.94 -19.57
C ALA B 246 -5.48 20.71 -18.13
N THR B 247 -6.79 20.77 -17.88
CA THR B 247 -7.34 20.70 -16.54
C THR B 247 -8.24 19.49 -16.38
N GLY B 248 -8.58 19.19 -15.13
CA GLY B 248 -9.42 18.04 -14.81
C GLY B 248 -10.33 18.32 -13.64
N SER B 249 -11.63 18.08 -13.82
CA SER B 249 -12.63 18.58 -12.90
C SER B 249 -13.61 17.47 -12.46
N ASP B 250 -14.40 17.78 -11.44
CA ASP B 250 -15.55 16.97 -11.04
C ASP B 250 -16.75 17.15 -11.94
N ASP B 251 -16.64 17.99 -12.96
CA ASP B 251 -17.62 18.15 -14.02
C ASP B 251 -17.62 16.97 -14.99
N ALA B 252 -16.69 16.02 -14.84
CA ALA B 252 -16.40 14.93 -15.78
C ALA B 252 -16.03 15.46 -17.16
N THR B 253 -15.08 16.40 -17.21
CA THR B 253 -14.66 17.02 -18.45
C THR B 253 -13.23 17.53 -18.30
N CYS B 254 -12.38 17.18 -19.27
CA CYS B 254 -11.08 17.82 -19.43
C CYS B 254 -11.20 18.87 -20.51
N ARG B 255 -10.38 19.92 -20.41
CA ARG B 255 -10.40 21.03 -21.34
C ARG B 255 -8.96 21.42 -21.67
N LEU B 256 -8.77 22.07 -22.81
CA LEU B 256 -7.45 22.52 -23.25
C LEU B 256 -7.47 24.03 -23.41
N PHE B 257 -6.59 24.73 -22.69
CA PHE B 257 -6.53 26.18 -22.72
C PHE B 257 -5.26 26.66 -23.40
N ASP B 258 -5.23 27.95 -23.74
CA ASP B 258 -4.13 28.58 -24.45
C ASP B 258 -3.65 29.82 -23.71
N LEU B 259 -2.34 30.03 -23.69
CA LEU B 259 -1.73 31.17 -23.01
C LEU B 259 -1.50 32.37 -23.92
N ARG B 260 -1.53 32.18 -25.23
CA ARG B 260 -1.26 33.28 -26.14
C ARG B 260 -2.50 33.77 -26.88
N ALA B 261 -3.58 32.99 -26.87
CA ALA B 261 -4.86 33.44 -27.40
C ALA B 261 -5.90 33.68 -26.32
N ASP B 262 -5.63 33.22 -25.09
CA ASP B 262 -6.50 33.39 -23.91
C ASP B 262 -7.90 32.85 -24.13
N GLN B 263 -7.99 31.62 -24.63
CA GLN B 263 -9.29 31.03 -24.88
C GLN B 263 -9.24 29.54 -24.55
N GLU B 264 -10.40 28.91 -24.64
CA GLU B 264 -10.49 27.45 -24.62
C GLU B 264 -10.43 26.94 -26.05
N LEU B 265 -9.74 25.82 -26.26
CA LEU B 265 -9.62 25.25 -27.60
C LEU B 265 -10.54 24.06 -27.83
N MET B 266 -10.54 23.07 -26.94
CA MET B 266 -11.27 21.84 -27.18
C MET B 266 -11.65 21.22 -25.84
N THR B 267 -12.74 20.45 -25.85
CA THR B 267 -13.24 19.73 -24.68
C THR B 267 -13.28 18.23 -24.96
N TYR B 268 -12.98 17.44 -23.94
CA TYR B 268 -12.83 15.99 -24.08
C TYR B 268 -13.89 15.31 -23.22
N SER B 269 -15.10 15.16 -23.75
CA SER B 269 -16.21 14.63 -22.99
C SER B 269 -16.87 13.49 -23.74
N HIS B 270 -17.59 12.65 -23.00
CA HIS B 270 -18.31 11.51 -23.55
C HIS B 270 -19.46 11.19 -22.61
N ASP B 271 -20.58 10.71 -23.18
CA ASP B 271 -21.82 10.63 -22.41
C ASP B 271 -21.82 9.48 -21.41
N ASN B 272 -20.99 8.46 -21.63
CA ASN B 272 -20.98 7.31 -20.73
C ASN B 272 -20.14 7.54 -19.48
N ILE B 273 -19.51 8.70 -19.33
CA ILE B 273 -18.73 9.03 -18.14
C ILE B 273 -19.54 10.00 -17.28
N ILE B 274 -19.75 9.65 -16.02
CA ILE B 274 -20.44 10.51 -15.08
C ILE B 274 -19.64 10.80 -13.82
N CYS B 275 -18.47 10.21 -13.65
CA CYS B 275 -17.64 10.48 -12.48
C CYS B 275 -16.47 11.39 -12.84
N GLY B 276 -15.80 11.90 -11.81
CA GLY B 276 -14.85 12.98 -11.96
C GLY B 276 -13.40 12.55 -12.11
N ILE B 277 -12.59 13.49 -12.62
CA ILE B 277 -11.19 13.23 -12.93
C ILE B 277 -10.34 13.48 -11.69
N THR B 278 -9.43 12.56 -11.41
CA THR B 278 -8.44 12.70 -10.35
C THR B 278 -7.08 13.20 -10.84
N SER B 279 -6.59 12.71 -11.98
CA SER B 279 -5.25 13.05 -12.43
C SER B 279 -5.24 13.26 -13.94
N VAL B 280 -4.22 14.00 -14.40
CA VAL B 280 -4.04 14.39 -15.81
C VAL B 280 -2.55 14.42 -16.11
N SER B 281 -2.14 13.82 -17.23
CA SER B 281 -0.77 13.97 -17.73
C SER B 281 -0.74 13.83 -19.25
N PHE B 282 0.31 14.37 -19.85
CA PHE B 282 0.58 14.29 -21.28
C PHE B 282 1.65 13.25 -21.57
N SER B 283 1.83 12.96 -22.87
CA SER B 283 2.93 12.14 -23.35
C SER B 283 4.13 13.01 -23.74
N LYS B 284 5.08 12.38 -24.44
CA LYS B 284 6.35 13.03 -24.73
C LYS B 284 6.28 13.93 -25.96
N SER B 285 5.53 13.53 -26.97
CA SER B 285 5.30 14.37 -28.14
C SER B 285 4.12 15.30 -27.98
N GLY B 286 3.34 15.15 -26.90
CA GLY B 286 2.15 15.94 -26.73
C GLY B 286 0.99 15.54 -27.60
N ARG B 287 0.87 14.26 -27.96
CA ARG B 287 -0.23 13.79 -28.77
C ARG B 287 -1.27 13.03 -27.97
N LEU B 288 -0.89 12.42 -26.85
CA LEU B 288 -1.84 11.68 -26.04
C LEU B 288 -2.11 12.45 -24.76
N LEU B 289 -3.31 12.23 -24.21
CA LEU B 289 -3.72 12.82 -22.94
C LEU B 289 -4.29 11.70 -22.09
N LEU B 290 -3.67 11.48 -20.93
CA LEU B 290 -4.03 10.36 -20.04
C LEU B 290 -4.75 10.94 -18.84
N ALA B 291 -5.97 10.47 -18.60
CA ALA B 291 -6.83 11.01 -17.55
C ALA B 291 -7.32 9.89 -16.64
N GLY B 292 -6.88 9.90 -15.38
CA GLY B 292 -7.38 8.93 -14.44
C GLY B 292 -8.72 9.33 -13.85
N TYR B 293 -9.64 8.38 -13.76
CA TYR B 293 -11.02 8.67 -13.42
C TYR B 293 -11.37 8.03 -12.09
N ASP B 294 -12.66 8.09 -11.76
CA ASP B 294 -13.18 7.64 -10.48
C ASP B 294 -13.96 6.34 -10.60
N ASP B 295 -14.28 5.91 -11.82
CA ASP B 295 -14.96 4.63 -12.06
C ASP B 295 -13.99 3.49 -12.26
N PHE B 296 -12.84 3.55 -11.59
CA PHE B 296 -11.80 2.54 -11.34
C PHE B 296 -10.82 2.38 -12.49
N ASN B 297 -10.92 3.15 -13.57
CA ASN B 297 -9.98 2.97 -14.67
C ASN B 297 -9.46 4.30 -15.19
N CYS B 298 -8.70 4.22 -16.28
CA CYS B 298 -7.98 5.33 -16.88
C CYS B 298 -8.19 5.29 -18.38
N ASN B 299 -8.30 6.45 -19.01
CA ASN B 299 -8.52 6.51 -20.44
C ASN B 299 -7.34 7.16 -21.15
N VAL B 300 -7.40 7.16 -22.48
CA VAL B 300 -6.37 7.73 -23.35
C VAL B 300 -7.07 8.51 -24.44
N TRP B 301 -6.71 9.78 -24.60
CA TRP B 301 -7.38 10.69 -25.51
C TRP B 301 -6.39 11.14 -26.58
N ASP B 302 -6.85 11.20 -27.83
CA ASP B 302 -6.12 11.92 -28.85
C ASP B 302 -6.30 13.41 -28.61
N ALA B 303 -5.20 14.11 -28.37
CA ALA B 303 -5.29 15.49 -27.91
C ALA B 303 -5.60 16.45 -29.05
N LEU B 304 -5.47 15.98 -30.30
CA LEU B 304 -5.64 16.90 -31.42
C LEU B 304 -7.02 16.77 -32.07
N LYS B 305 -7.77 15.70 -31.76
CA LYS B 305 -9.05 15.47 -32.41
C LYS B 305 -10.16 15.00 -31.47
N ALA B 306 -9.90 14.89 -30.18
CA ALA B 306 -10.84 14.57 -29.09
C ALA B 306 -11.43 13.17 -29.17
N ASP B 307 -10.83 12.25 -29.93
CA ASP B 307 -11.26 10.86 -29.87
C ASP B 307 -10.52 10.12 -28.77
N ARG B 308 -11.12 9.05 -28.27
CA ARG B 308 -10.47 8.22 -27.26
C ARG B 308 -9.83 7.02 -27.96
N ALA B 309 -8.68 6.58 -27.44
CA ALA B 309 -7.90 5.55 -28.13
C ALA B 309 -7.78 4.27 -27.34
N GLY B 310 -7.78 4.35 -26.00
CA GLY B 310 -7.57 3.16 -25.22
C GLY B 310 -8.08 3.29 -23.80
N VAL B 311 -8.03 2.17 -23.09
CA VAL B 311 -8.50 2.04 -21.70
C VAL B 311 -7.46 1.22 -20.95
N LEU B 312 -7.18 1.60 -19.69
CA LEU B 312 -6.25 0.88 -18.83
C LEU B 312 -6.97 0.47 -17.55
N ALA B 313 -7.23 -0.83 -17.39
CA ALA B 313 -8.08 -1.36 -16.31
C ALA B 313 -7.35 -2.41 -15.48
N GLY B 314 -6.98 -2.07 -14.25
CA GLY B 314 -6.31 -3.02 -13.38
C GLY B 314 -6.54 -2.96 -11.88
N HIS B 315 -7.47 -2.14 -11.40
CA HIS B 315 -7.62 -1.87 -9.97
C HIS B 315 -9.06 -2.14 -9.51
N ASP B 316 -9.23 -2.56 -8.26
CA ASP B 316 -10.57 -2.67 -7.67
C ASP B 316 -11.10 -1.32 -7.21
N ASN B 317 -10.26 -0.30 -7.08
CA ASN B 317 -10.70 0.91 -6.41
C ASN B 317 -10.19 2.11 -7.20
N ARG B 318 -10.38 3.30 -6.63
CA ARG B 318 -10.13 4.56 -7.33
C ARG B 318 -8.66 4.77 -7.64
N VAL B 319 -8.36 5.12 -8.89
CA VAL B 319 -7.00 5.50 -9.28
C VAL B 319 -6.76 6.97 -8.92
N SER B 320 -5.73 7.20 -8.11
CA SER B 320 -5.56 8.48 -7.46
C SER B 320 -4.34 9.28 -7.93
N CYS B 321 -3.45 8.71 -8.72
CA CYS B 321 -2.26 9.40 -9.19
C CYS B 321 -1.70 8.69 -10.41
N LEU B 322 -1.06 9.45 -11.31
CA LEU B 322 -0.33 8.87 -12.44
C LEU B 322 0.76 9.82 -12.89
N GLY B 323 1.74 9.28 -13.60
CA GLY B 323 2.87 10.05 -14.08
C GLY B 323 3.67 9.44 -15.21
N VAL B 324 3.96 10.23 -16.24
CA VAL B 324 4.69 9.79 -17.43
C VAL B 324 6.15 10.21 -17.29
N THR B 325 7.06 9.33 -17.69
CA THR B 325 8.49 9.48 -17.41
C THR B 325 9.16 10.46 -18.37
N ASP B 326 10.43 10.76 -18.08
CA ASP B 326 11.13 11.86 -18.74
C ASP B 326 11.71 11.46 -20.09
N ASP B 327 11.87 10.16 -20.35
CA ASP B 327 12.25 9.76 -21.70
C ASP B 327 11.08 9.25 -22.54
N GLY B 328 10.03 8.74 -21.89
CA GLY B 328 8.82 8.36 -22.59
C GLY B 328 8.53 6.88 -22.62
N MET B 329 9.29 6.06 -21.91
CA MET B 329 9.09 4.62 -21.93
C MET B 329 7.79 4.22 -21.25
N ALA B 330 7.66 4.52 -19.95
CA ALA B 330 6.69 3.87 -19.10
C ALA B 330 5.62 4.88 -18.67
N VAL B 331 4.58 4.34 -18.03
CA VAL B 331 3.49 5.09 -17.40
C VAL B 331 3.17 4.40 -16.09
N ALA B 332 3.18 5.14 -14.99
CA ALA B 332 2.84 4.56 -13.70
C ALA B 332 1.47 5.04 -13.27
N THR B 333 0.79 4.22 -12.47
CA THR B 333 -0.48 4.56 -11.85
C THR B 333 -0.49 4.06 -10.41
N GLY B 334 -1.27 4.74 -9.56
CA GLY B 334 -1.46 4.32 -8.20
C GLY B 334 -2.94 4.38 -7.86
N SER B 335 -3.35 3.60 -6.85
CA SER B 335 -4.77 3.49 -6.56
C SER B 335 -4.97 3.13 -5.10
N TRP B 336 -6.24 3.13 -4.70
CA TRP B 336 -6.60 2.90 -3.31
C TRP B 336 -6.64 1.42 -2.93
N ASP B 337 -6.46 0.52 -3.88
CA ASP B 337 -6.26 -0.89 -3.52
C ASP B 337 -4.80 -1.23 -3.27
N SER B 338 -3.95 -0.20 -3.13
CA SER B 338 -2.58 -0.24 -2.63
C SER B 338 -1.57 -0.86 -3.57
N PHE B 339 -1.76 -0.78 -4.89
CA PHE B 339 -0.86 -1.39 -5.87
C PHE B 339 -0.43 -0.34 -6.88
N LEU B 340 0.84 -0.36 -7.24
CA LEU B 340 1.39 0.45 -8.33
C LEU B 340 1.61 -0.47 -9.52
N LYS B 341 1.30 0.02 -10.72
CA LYS B 341 1.46 -0.76 -11.94
C LYS B 341 2.14 0.09 -12.99
N ILE B 342 3.11 -0.49 -13.67
CA ILE B 342 3.86 0.20 -14.72
C ILE B 342 3.40 -0.34 -16.06
N TRP B 343 2.98 0.56 -16.93
CA TRP B 343 2.41 0.24 -18.23
C TRP B 343 3.39 0.67 -19.31
N ASN B 344 3.40 -0.05 -20.42
CA ASN B 344 4.38 0.19 -21.46
C ASN B 344 3.89 -0.34 -22.79
N ALA C 7 -12.84 50.07 5.27
CA ALA C 7 -14.07 49.32 4.98
C ALA C 7 -13.90 48.46 3.74
N SER C 8 -14.99 48.27 3.00
CA SER C 8 -14.95 47.52 1.74
C SER C 8 -14.58 48.39 0.56
N ILE C 9 -14.25 49.66 0.77
CA ILE C 9 -13.84 50.53 -0.32
C ILE C 9 -12.42 50.23 -0.76
N ALA C 10 -11.63 49.58 0.10
CA ALA C 10 -10.26 49.22 -0.27
C ALA C 10 -10.25 48.02 -1.20
N GLN C 11 -11.08 47.01 -0.91
CA GLN C 11 -11.11 45.81 -1.75
C GLN C 11 -11.88 46.06 -3.03
N ALA C 12 -12.71 47.11 -3.06
CA ALA C 12 -13.36 47.49 -4.32
C ALA C 12 -12.37 48.07 -5.29
N ARG C 13 -11.48 48.94 -4.81
CA ARG C 13 -10.49 49.56 -5.69
C ARG C 13 -9.37 48.59 -6.05
N LYS C 14 -9.16 47.57 -5.23
CA LYS C 14 -8.09 46.61 -5.49
C LYS C 14 -8.46 45.65 -6.62
N LEU C 15 -9.75 45.33 -6.74
CA LEU C 15 -10.18 44.40 -7.78
C LEU C 15 -10.26 45.09 -9.14
N VAL C 16 -10.52 46.39 -9.17
CA VAL C 16 -10.58 47.12 -10.43
C VAL C 16 -9.18 47.27 -11.02
N GLU C 17 -8.17 47.41 -10.18
CA GLU C 17 -6.80 47.56 -10.66
C GLU C 17 -6.26 46.25 -11.23
N GLN C 18 -6.78 45.11 -10.77
CA GLN C 18 -6.41 43.83 -11.35
C GLN C 18 -6.96 43.68 -12.76
N LEU C 19 -8.26 43.96 -12.94
CA LEU C 19 -8.89 43.79 -14.25
C LEU C 19 -8.44 44.88 -15.23
N LYS C 20 -7.91 45.99 -14.72
CA LYS C 20 -7.35 47.01 -15.61
C LYS C 20 -6.04 46.54 -16.21
N MET C 21 -5.23 45.81 -15.42
CA MET C 21 -3.95 45.31 -15.91
C MET C 21 -4.13 44.16 -16.90
N GLU C 22 -5.23 43.41 -16.75
CA GLU C 22 -5.40 42.20 -17.55
C GLU C 22 -6.13 42.48 -18.85
N ALA C 23 -6.90 43.58 -18.92
CA ALA C 23 -7.75 43.80 -20.09
C ALA C 23 -6.97 44.36 -21.28
N ASN C 24 -5.75 44.86 -21.07
CA ASN C 24 -4.99 45.47 -22.16
C ASN C 24 -3.80 44.63 -22.63
N ILE C 25 -3.74 43.35 -22.26
CA ILE C 25 -2.68 42.48 -22.76
C ILE C 25 -2.98 42.13 -24.22
N ASP C 26 -1.93 41.84 -24.98
CA ASP C 26 -2.07 41.60 -26.41
C ASP C 26 -2.40 40.14 -26.72
N ARG C 27 -3.17 39.95 -27.78
CA ARG C 27 -3.67 38.64 -28.18
C ARG C 27 -3.47 38.47 -29.68
N ILE C 28 -3.37 37.23 -30.13
CA ILE C 28 -3.26 36.93 -31.54
C ILE C 28 -4.50 36.17 -32.00
N LYS C 29 -4.56 35.88 -33.29
CA LYS C 29 -5.67 35.09 -33.84
C LYS C 29 -5.57 33.65 -33.34
N VAL C 30 -6.70 32.96 -33.30
CA VAL C 30 -6.71 31.60 -32.79
C VAL C 30 -6.34 30.61 -33.90
N SER C 31 -6.29 31.07 -35.16
CA SER C 31 -5.86 30.21 -36.25
C SER C 31 -4.36 29.95 -36.19
N LYS C 32 -3.57 30.96 -35.86
CA LYS C 32 -2.13 30.77 -35.79
C LYS C 32 -1.73 30.04 -34.52
N ALA C 33 -2.51 30.19 -33.45
CA ALA C 33 -2.21 29.49 -32.22
C ALA C 33 -2.60 28.02 -32.30
N ALA C 34 -3.46 27.67 -33.25
CA ALA C 34 -3.84 26.26 -33.41
C ALA C 34 -2.89 25.54 -34.38
N ALA C 35 -2.38 26.27 -35.37
CA ALA C 35 -1.48 25.66 -36.34
C ALA C 35 -0.08 25.44 -35.77
N ASP C 36 0.27 26.15 -34.70
CA ASP C 36 1.56 25.95 -34.07
C ASP C 36 1.57 24.73 -33.16
N LEU C 37 0.39 24.27 -32.73
CA LEU C 37 0.31 23.08 -31.89
C LEU C 37 0.47 21.80 -32.71
N MET C 38 0.18 21.88 -34.01
CA MET C 38 0.38 20.70 -34.86
C MET C 38 1.85 20.50 -35.20
N ALA C 39 2.60 21.59 -35.35
CA ALA C 39 3.97 21.51 -35.86
C ALA C 39 4.90 20.89 -34.83
N TYR C 40 4.60 21.05 -33.54
CA TYR C 40 5.41 20.42 -32.51
C TYR C 40 5.19 18.91 -32.51
N CYS C 41 3.96 18.46 -32.71
CA CYS C 41 3.66 17.03 -32.64
C CYS C 41 4.16 16.30 -33.88
N GLU C 42 4.20 16.99 -35.01
CA GLU C 42 4.71 16.35 -36.23
C GLU C 42 6.23 16.26 -36.21
N ALA C 43 6.90 17.23 -35.59
CA ALA C 43 8.36 17.24 -35.59
C ALA C 43 8.93 16.25 -34.57
N HIS C 44 8.12 15.77 -33.64
CA HIS C 44 8.57 14.88 -32.58
C HIS C 44 7.86 13.54 -32.58
N ALA C 45 7.28 13.13 -33.72
CA ALA C 45 6.52 11.89 -33.77
C ALA C 45 7.44 10.68 -33.74
N LYS C 46 8.67 10.82 -34.25
CA LYS C 46 9.64 9.74 -34.24
C LYS C 46 10.17 9.45 -32.84
N GLU C 47 10.17 10.43 -31.95
CA GLU C 47 10.84 10.34 -30.66
C GLU C 47 9.89 9.91 -29.54
N ASP C 48 8.63 9.59 -29.87
CA ASP C 48 7.64 9.22 -28.86
C ASP C 48 7.46 7.70 -28.82
N PRO C 49 7.85 7.03 -27.74
CA PRO C 49 7.76 5.55 -27.71
C PRO C 49 6.37 5.02 -27.44
N LEU C 50 5.49 5.80 -26.83
CA LEU C 50 4.15 5.31 -26.53
C LEU C 50 3.24 5.40 -27.75
N LEU C 51 3.64 6.17 -28.75
CA LEU C 51 2.82 6.34 -29.95
C LEU C 51 3.17 5.28 -30.99
N THR C 52 4.46 5.04 -31.19
CA THR C 52 4.95 3.95 -32.04
C THR C 52 5.75 2.99 -31.18
N PRO C 53 5.27 1.75 -30.98
CA PRO C 53 5.98 0.82 -30.08
C PRO C 53 7.33 0.38 -30.63
N VAL C 54 8.32 0.39 -29.76
CA VAL C 54 9.70 0.04 -30.10
C VAL C 54 9.81 -1.49 -30.16
N PRO C 55 10.84 -2.05 -30.80
CA PRO C 55 11.08 -3.49 -30.68
C PRO C 55 11.51 -3.88 -29.27
N ALA C 56 11.41 -5.17 -28.99
CA ALA C 56 11.64 -5.71 -27.65
C ALA C 56 13.11 -5.77 -27.26
N SER C 57 14.03 -5.31 -28.11
CA SER C 57 15.45 -5.34 -27.77
C SER C 57 15.83 -4.18 -26.87
N GLU C 58 15.40 -2.96 -27.22
CA GLU C 58 15.80 -1.78 -26.47
C GLU C 58 14.76 -1.32 -25.46
N ASN C 59 13.58 -1.91 -25.46
CA ASN C 59 12.60 -1.64 -24.41
C ASN C 59 13.09 -2.27 -23.12
N PRO C 60 13.36 -1.48 -22.07
CA PRO C 60 14.03 -2.03 -20.89
C PRO C 60 13.09 -2.67 -19.88
N PHE C 61 11.79 -2.71 -20.19
CA PHE C 61 10.80 -3.33 -19.33
C PHE C 61 10.34 -4.68 -19.86
N ARG C 62 11.19 -5.41 -20.57
CA ARG C 62 10.75 -6.66 -21.20
C ARG C 62 10.63 -7.77 -20.17
N GLU C 63 11.57 -7.84 -19.21
CA GLU C 63 11.49 -8.74 -18.05
C GLU C 63 12.48 -8.29 -16.99
N PHE D 123 -22.26 -58.92 -1.53
CA PHE D 123 -22.94 -59.50 -2.69
C PHE D 123 -24.10 -58.59 -3.04
N MET D 124 -24.69 -58.77 -4.22
CA MET D 124 -25.61 -57.82 -4.82
C MET D 124 -27.02 -58.40 -4.92
N VAL D 125 -27.77 -58.30 -3.82
CA VAL D 125 -29.17 -58.72 -3.81
C VAL D 125 -30.03 -57.64 -3.18
N LEU D 126 -30.87 -56.97 -3.99
CA LEU D 126 -31.89 -56.09 -3.43
C LEU D 126 -33.30 -56.52 -3.80
N ASN D 127 -33.66 -56.53 -5.10
CA ASN D 127 -35.01 -56.75 -5.61
C ASN D 127 -35.01 -56.71 -7.13
N PRO D 128 -35.96 -57.36 -7.80
CA PRO D 128 -36.13 -57.18 -9.25
C PRO D 128 -37.07 -56.05 -9.65
N SER D 129 -37.97 -55.60 -8.78
CA SER D 129 -38.89 -54.52 -9.11
C SER D 129 -38.63 -53.25 -8.32
N GLN D 130 -38.15 -53.36 -7.09
CA GLN D 130 -37.81 -52.20 -6.27
C GLN D 130 -36.41 -51.68 -6.56
N GLN D 131 -35.73 -52.22 -7.58
CA GLN D 131 -34.47 -51.71 -8.08
C GLN D 131 -34.69 -50.91 -9.36
N LEU D 132 -35.93 -50.48 -9.58
CA LEU D 132 -36.31 -49.78 -10.81
C LEU D 132 -36.94 -48.43 -10.52
N ALA D 133 -36.65 -47.86 -9.36
CA ALA D 133 -37.07 -46.51 -9.04
C ALA D 133 -35.95 -45.68 -8.45
N ILE D 134 -34.85 -46.30 -8.03
CA ILE D 134 -33.67 -45.54 -7.63
C ILE D 134 -33.09 -44.83 -8.84
N ALA D 135 -33.23 -45.42 -10.03
CA ALA D 135 -32.93 -44.71 -11.27
C ALA D 135 -33.86 -43.52 -11.50
N VAL D 136 -35.08 -43.56 -10.97
CA VAL D 136 -36.04 -42.47 -11.14
C VAL D 136 -35.89 -41.51 -9.97
N LEU D 137 -35.08 -41.90 -8.98
CA LEU D 137 -34.81 -41.01 -7.87
C LEU D 137 -33.43 -40.36 -7.99
N SER D 138 -32.44 -41.09 -8.53
CA SER D 138 -31.10 -40.53 -8.59
C SER D 138 -30.80 -39.81 -9.89
N LEU D 139 -31.82 -39.53 -10.71
CA LEU D 139 -31.70 -38.55 -11.77
C LEU D 139 -32.29 -37.21 -11.37
N THR D 140 -32.87 -37.12 -10.18
CA THR D 140 -33.44 -35.90 -9.65
C THR D 140 -33.06 -35.60 -8.21
N LEU D 141 -32.09 -36.34 -7.65
CA LEU D 141 -31.42 -35.96 -6.41
C LEU D 141 -29.93 -35.86 -6.58
N GLY D 142 -29.42 -36.09 -7.79
CA GLY D 142 -28.02 -35.94 -8.09
C GLY D 142 -27.79 -34.91 -9.16
N THR D 143 -28.78 -34.71 -10.03
CA THR D 143 -28.66 -33.71 -11.07
C THR D 143 -29.01 -32.31 -10.60
N PHE D 144 -29.61 -32.18 -9.41
CA PHE D 144 -29.72 -30.85 -8.82
C PHE D 144 -28.43 -30.45 -8.14
N THR D 145 -27.78 -31.38 -7.44
CA THR D 145 -26.56 -31.03 -6.71
C THR D 145 -25.34 -30.97 -7.61
N VAL D 146 -25.50 -31.28 -8.90
CA VAL D 146 -24.51 -30.86 -9.89
C VAL D 146 -24.85 -29.47 -10.42
N LEU D 147 -26.14 -29.22 -10.64
CA LEU D 147 -26.62 -27.95 -11.18
C LEU D 147 -26.70 -26.85 -10.13
N GLU D 148 -26.48 -27.16 -8.85
CA GLU D 148 -26.44 -26.14 -7.81
C GLU D 148 -25.05 -25.80 -7.33
N ASN D 149 -24.16 -26.79 -7.20
CA ASN D 149 -22.81 -26.50 -6.76
C ASN D 149 -21.94 -25.90 -7.85
N LEU D 150 -22.50 -25.69 -9.04
CA LEU D 150 -21.81 -25.01 -10.13
C LEU D 150 -22.20 -23.54 -10.21
N LEU D 151 -23.49 -23.24 -10.00
CA LEU D 151 -23.96 -21.85 -9.99
C LEU D 151 -23.42 -21.09 -8.78
N VAL D 152 -23.17 -21.78 -7.67
CA VAL D 152 -22.51 -21.16 -6.52
C VAL D 152 -21.11 -20.71 -6.90
N LEU D 153 -20.43 -21.49 -7.72
CA LEU D 153 -19.09 -21.12 -8.17
C LEU D 153 -19.12 -20.17 -9.36
N CYS D 154 -20.31 -19.69 -9.74
CA CYS D 154 -20.46 -18.69 -10.78
C CYS D 154 -20.68 -17.29 -10.19
N VAL D 155 -20.62 -17.15 -8.87
CA VAL D 155 -20.66 -15.84 -8.21
C VAL D 155 -19.50 -15.72 -7.23
N ILE D 156 -18.44 -16.49 -7.45
CA ILE D 156 -17.27 -16.44 -6.59
C ILE D 156 -16.01 -16.81 -7.37
N ARG D 163 -16.39 -10.05 -4.54
CA ARG D 163 -16.39 -11.50 -4.68
C ARG D 163 -15.74 -12.22 -3.49
N CYS D 164 -14.45 -12.51 -3.62
CA CYS D 164 -13.79 -13.47 -2.75
C CYS D 164 -13.10 -12.77 -1.58
N ARG D 165 -13.36 -13.27 -0.38
CA ARG D 165 -12.77 -12.86 0.89
C ARG D 165 -12.14 -14.09 1.54
N PRO D 166 -11.11 -13.90 2.42
CA PRO D 166 -10.33 -15.06 2.88
C PRO D 166 -11.01 -16.02 3.85
N SER D 167 -12.33 -15.92 4.03
CA SER D 167 -13.09 -17.00 4.66
C SER D 167 -14.10 -17.62 3.70
N TYR D 168 -13.89 -17.45 2.39
CA TYR D 168 -14.67 -18.12 1.37
C TYR D 168 -13.87 -19.19 0.63
N HIS D 169 -12.67 -19.47 1.10
CA HIS D 169 -11.99 -20.68 0.66
C HIS D 169 -12.58 -21.91 1.32
N PHE D 170 -12.96 -21.79 2.60
CA PHE D 170 -13.49 -22.93 3.34
C PHE D 170 -14.89 -23.31 2.88
N ILE D 171 -15.62 -22.38 2.26
CA ILE D 171 -16.85 -22.73 1.58
C ILE D 171 -16.56 -23.36 0.23
N GLY D 172 -15.40 -23.06 -0.35
CA GLY D 172 -15.05 -23.62 -1.64
C GLY D 172 -14.76 -25.11 -1.60
N SER D 173 -14.02 -25.57 -0.60
CA SER D 173 -13.62 -26.96 -0.53
C SER D 173 -14.69 -27.88 0.04
N LEU D 174 -15.95 -27.44 0.11
CA LEU D 174 -17.09 -28.35 0.21
C LEU D 174 -18.07 -28.10 -0.91
N ALA D 175 -17.88 -27.05 -1.70
CA ALA D 175 -18.69 -26.83 -2.88
C ALA D 175 -18.17 -27.60 -4.08
N VAL D 176 -16.94 -28.09 -4.03
CA VAL D 176 -16.39 -28.93 -5.09
C VAL D 176 -16.22 -30.37 -4.64
N ALA D 177 -16.15 -30.63 -3.32
CA ALA D 177 -16.09 -31.98 -2.79
C ALA D 177 -17.44 -32.67 -2.85
N ASP D 178 -18.50 -31.92 -3.11
CA ASP D 178 -19.82 -32.48 -3.35
C ASP D 178 -20.21 -32.39 -4.81
N LEU D 179 -19.25 -32.12 -5.69
CA LEU D 179 -19.44 -32.25 -7.13
C LEU D 179 -18.76 -33.49 -7.68
N LEU D 180 -17.54 -33.78 -7.23
CA LEU D 180 -16.89 -35.04 -7.57
C LEU D 180 -17.57 -36.23 -6.91
N GLY D 181 -17.94 -36.10 -5.64
CA GLY D 181 -18.54 -37.18 -4.91
C GLY D 181 -20.01 -37.44 -5.21
N SER D 182 -20.60 -36.70 -6.15
CA SER D 182 -21.99 -36.93 -6.52
C SER D 182 -22.19 -37.13 -8.00
N VAL D 183 -21.14 -37.45 -8.74
CA VAL D 183 -21.24 -38.09 -10.05
C VAL D 183 -20.57 -39.45 -10.06
N ILE D 184 -19.40 -39.57 -9.42
CA ILE D 184 -18.72 -40.84 -9.26
C ILE D 184 -19.54 -41.80 -8.40
N PHE D 185 -20.19 -41.29 -7.35
CA PHE D 185 -21.07 -42.15 -6.55
C PHE D 185 -22.33 -42.52 -7.30
N VAL D 186 -22.92 -41.58 -8.04
CA VAL D 186 -24.14 -41.87 -8.77
C VAL D 186 -23.89 -42.86 -9.90
N TYR D 187 -22.73 -42.79 -10.54
CA TYR D 187 -22.42 -43.72 -11.60
C TYR D 187 -22.02 -45.10 -11.09
N SER D 188 -21.41 -45.17 -9.91
CA SER D 188 -20.98 -46.46 -9.40
C SER D 188 -22.14 -47.22 -8.75
N PHE D 189 -23.05 -46.50 -8.11
CA PHE D 189 -24.16 -47.16 -7.43
C PHE D 189 -25.25 -47.57 -8.43
N ILE D 190 -25.33 -46.88 -9.58
CA ILE D 190 -26.21 -47.34 -10.65
C ILE D 190 -25.57 -48.48 -11.43
N ASP D 191 -24.28 -48.72 -11.22
CA ASP D 191 -23.54 -49.76 -11.94
C ASP D 191 -23.69 -51.13 -11.30
N PHE D 192 -24.02 -51.18 -10.01
CA PHE D 192 -23.80 -52.40 -9.26
C PHE D 192 -25.10 -53.11 -8.88
N HIS D 193 -26.10 -52.37 -8.42
CA HIS D 193 -27.35 -52.97 -7.98
C HIS D 193 -28.35 -53.10 -9.12
N VAL D 194 -28.73 -51.99 -9.75
CA VAL D 194 -29.36 -52.00 -11.06
C VAL D 194 -28.21 -52.12 -12.06
N PHE D 195 -28.50 -52.26 -13.36
CA PHE D 195 -27.85 -53.11 -14.35
C PHE D 195 -26.39 -53.46 -14.11
N HIS D 196 -26.12 -54.76 -14.11
CA HIS D 196 -25.05 -55.34 -13.31
C HIS D 196 -23.70 -55.26 -13.99
N ARG D 197 -22.65 -55.47 -13.19
CA ARG D 197 -21.26 -55.43 -13.63
C ARG D 197 -20.42 -56.08 -12.55
N LYS D 198 -19.34 -56.74 -12.95
CA LYS D 198 -18.39 -57.33 -12.02
C LYS D 198 -17.00 -56.76 -12.25
N ASP D 199 -16.12 -57.00 -11.28
CA ASP D 199 -14.75 -56.47 -11.31
C ASP D 199 -13.89 -57.32 -10.38
N SER D 200 -12.65 -56.88 -10.18
CA SER D 200 -11.69 -57.60 -9.36
C SER D 200 -11.10 -56.63 -8.35
N ARG D 201 -10.02 -57.05 -7.68
CA ARG D 201 -9.46 -56.31 -6.56
C ARG D 201 -8.68 -55.06 -6.96
N ASN D 202 -8.70 -54.68 -8.24
CA ASN D 202 -8.08 -53.44 -8.69
C ASN D 202 -9.02 -52.53 -9.47
N VAL D 203 -9.98 -53.07 -10.19
CA VAL D 203 -10.94 -52.24 -10.91
C VAL D 203 -11.97 -51.68 -9.94
N PHE D 204 -12.36 -52.48 -8.94
CA PHE D 204 -13.41 -52.08 -8.01
C PHE D 204 -12.91 -51.05 -7.00
N LEU D 205 -11.77 -51.32 -6.37
CA LEU D 205 -11.27 -50.46 -5.30
C LEU D 205 -10.73 -49.14 -5.83
N PHE D 206 -10.48 -49.03 -7.14
CA PHE D 206 -10.24 -47.75 -7.79
C PHE D 206 -11.45 -46.82 -7.65
N LYS D 207 -12.65 -47.38 -7.56
CA LYS D 207 -13.83 -46.57 -7.29
C LYS D 207 -14.19 -46.51 -5.81
N LEU D 208 -13.60 -47.38 -4.98
CA LEU D 208 -13.84 -47.33 -3.54
C LEU D 208 -12.82 -46.47 -2.80
N GLY D 209 -11.72 -46.13 -3.45
CA GLY D 209 -10.91 -45.01 -3.01
C GLY D 209 -11.31 -43.72 -3.67
N GLY D 210 -12.37 -43.75 -4.47
CA GLY D 210 -12.91 -42.58 -5.13
C GLY D 210 -14.33 -42.24 -4.74
N VAL D 211 -14.82 -42.76 -3.61
CA VAL D 211 -16.05 -42.25 -3.01
C VAL D 211 -15.73 -42.05 -1.53
N THR D 212 -14.64 -42.65 -1.06
CA THR D 212 -14.19 -42.41 0.31
C THR D 212 -13.52 -41.07 0.45
N ALA D 213 -12.58 -40.73 -0.44
CA ALA D 213 -11.87 -39.45 -0.35
C ALA D 213 -12.70 -38.27 -0.81
N SER D 214 -13.95 -38.48 -1.23
CA SER D 214 -14.86 -37.38 -1.54
C SER D 214 -15.95 -37.22 -0.50
N PHE D 215 -16.01 -38.09 0.52
CA PHE D 215 -16.89 -37.87 1.65
C PHE D 215 -16.14 -37.51 2.92
N THR D 216 -14.88 -37.90 3.04
CA THR D 216 -14.05 -37.42 4.13
C THR D 216 -13.32 -36.14 3.77
N ALA D 217 -13.53 -35.62 2.57
CA ALA D 217 -13.17 -34.26 2.21
C ALA D 217 -14.40 -33.36 2.19
N SER D 218 -15.55 -33.87 2.61
CA SER D 218 -16.74 -33.08 2.83
C SER D 218 -17.11 -33.00 4.31
N VAL D 219 -16.41 -33.76 5.15
CA VAL D 219 -16.50 -33.60 6.58
C VAL D 219 -15.33 -32.77 7.13
N GLY D 220 -14.16 -32.87 6.51
CA GLY D 220 -13.06 -31.99 6.86
C GLY D 220 -13.30 -30.54 6.50
N SER D 221 -14.18 -30.26 5.54
CA SER D 221 -14.49 -28.87 5.22
C SER D 221 -15.56 -28.30 6.12
N LEU D 222 -16.49 -29.13 6.62
CA LEU D 222 -17.41 -28.67 7.66
C LEU D 222 -16.72 -28.45 8.99
N PHE D 223 -15.57 -29.07 9.20
CA PHE D 223 -14.80 -28.91 10.41
C PHE D 223 -13.96 -27.64 10.41
N LEU D 224 -13.67 -27.08 9.24
CA LEU D 224 -12.89 -25.86 9.17
C LEU D 224 -13.73 -24.60 9.33
N THR D 225 -15.00 -24.62 8.93
CA THR D 225 -15.87 -23.49 9.21
C THR D 225 -16.41 -23.49 10.63
N ALA D 226 -16.11 -24.50 11.44
CA ALA D 226 -16.45 -24.48 12.86
C ALA D 226 -15.21 -24.36 13.73
N ILE D 227 -14.03 -24.28 13.13
CA ILE D 227 -12.85 -23.81 13.84
C ILE D 227 -12.52 -22.38 13.46
N ASP D 228 -13.17 -21.85 12.42
CA ASP D 228 -13.08 -20.44 12.07
C ASP D 228 -14.14 -19.60 12.76
N ARG D 229 -15.40 -20.04 12.75
CA ARG D 229 -16.50 -19.38 13.43
C ARG D 229 -16.48 -19.54 14.95
N TYR D 230 -15.42 -20.13 15.50
CA TYR D 230 -15.17 -20.16 16.92
C TYR D 230 -14.12 -19.16 17.36
N ILE D 231 -13.26 -18.69 16.47
CA ILE D 231 -12.26 -17.70 16.86
C ILE D 231 -12.77 -16.34 16.43
N SER D 232 -14.05 -16.26 16.05
CA SER D 232 -14.68 -14.98 15.76
C SER D 232 -15.51 -14.47 16.93
N ILE D 233 -15.85 -15.33 17.89
CA ILE D 233 -16.53 -14.90 19.10
C ILE D 233 -15.67 -15.07 20.34
N HIS D 234 -14.82 -16.10 20.40
CA HIS D 234 -14.05 -16.33 21.62
C HIS D 234 -12.95 -15.30 21.80
N ARG D 235 -12.31 -14.87 20.73
CA ARG D 235 -11.36 -13.75 20.75
C ARG D 235 -11.74 -12.81 19.62
N PRO D 236 -12.70 -11.92 19.82
CA PRO D 236 -13.13 -11.02 18.74
C PRO D 236 -12.12 -9.93 18.44
N LEU D 237 -11.38 -9.47 19.45
CA LEU D 237 -10.36 -8.45 19.25
C LEU D 237 -9.22 -8.95 18.36
N ALA D 238 -8.82 -10.20 18.54
CA ALA D 238 -7.77 -10.84 17.76
C ALA D 238 -8.41 -11.95 16.91
N TYR D 239 -8.93 -11.56 15.76
CA TYR D 239 -9.44 -12.52 14.78
C TYR D 239 -8.99 -12.21 13.37
N LYS D 240 -8.79 -10.96 13.01
CA LYS D 240 -8.24 -10.62 11.71
C LYS D 240 -6.72 -10.57 11.75
N ARG D 241 -6.12 -10.94 12.88
CA ARG D 241 -4.68 -10.97 13.02
C ARG D 241 -4.22 -12.40 13.30
N ILE D 242 -5.15 -13.36 13.19
CA ILE D 242 -4.77 -14.77 13.23
C ILE D 242 -5.17 -15.48 11.94
N VAL D 243 -6.44 -15.37 11.55
CA VAL D 243 -6.88 -16.10 10.37
C VAL D 243 -6.51 -15.25 9.15
N THR D 244 -5.29 -15.43 8.66
CA THR D 244 -4.78 -14.72 7.49
C THR D 244 -4.54 -15.72 6.36
N ARG D 245 -4.41 -15.19 5.12
CA ARG D 245 -4.15 -16.04 3.95
C ARG D 245 -2.88 -16.91 3.98
N PRO D 246 -1.76 -16.51 4.62
CA PRO D 246 -0.68 -17.50 4.83
C PRO D 246 -1.06 -18.70 5.69
N LYS D 247 -2.06 -18.58 6.56
CA LYS D 247 -2.52 -19.73 7.34
C LYS D 247 -3.93 -20.16 6.97
N ALA D 248 -4.41 -19.80 5.78
CA ALA D 248 -5.72 -20.21 5.30
C ALA D 248 -5.73 -20.59 3.82
N VAL D 249 -4.59 -20.55 3.14
CA VAL D 249 -4.49 -21.14 1.81
C VAL D 249 -3.67 -22.41 1.83
N VAL D 250 -2.82 -22.61 2.83
CA VAL D 250 -2.17 -23.89 3.01
C VAL D 250 -3.06 -24.81 3.82
N ALA D 251 -4.16 -24.29 4.38
CA ALA D 251 -4.89 -25.03 5.39
C ALA D 251 -5.81 -26.07 4.78
N PHE D 252 -6.30 -25.84 3.57
CA PHE D 252 -7.03 -26.92 2.93
C PHE D 252 -6.15 -27.78 2.04
N CYS D 253 -4.83 -27.55 2.07
CA CYS D 253 -3.91 -28.45 1.40
C CYS D 253 -3.38 -29.51 2.36
N LEU D 254 -3.79 -29.47 3.62
CA LEU D 254 -3.56 -30.60 4.51
C LEU D 254 -4.83 -31.32 4.91
N MET D 255 -5.93 -31.07 4.22
CA MET D 255 -7.08 -31.96 4.27
C MET D 255 -7.29 -32.73 2.98
N TRP D 256 -6.71 -32.27 1.88
CA TRP D 256 -6.68 -33.07 0.66
C TRP D 256 -5.38 -33.84 0.51
N THR D 257 -4.51 -33.81 1.51
CA THR D 257 -3.33 -34.65 1.54
C THR D 257 -3.33 -35.60 2.72
N ILE D 258 -4.45 -35.74 3.42
CA ILE D 258 -4.62 -36.75 4.46
C ILE D 258 -5.88 -37.55 4.13
N ALA D 259 -6.82 -36.93 3.43
CA ALA D 259 -7.95 -37.69 2.92
C ALA D 259 -7.59 -38.58 1.74
N ILE D 260 -6.44 -38.37 1.10
CA ILE D 260 -6.00 -39.22 0.00
C ILE D 260 -4.73 -39.89 0.48
N VAL D 261 -4.66 -40.12 1.79
CA VAL D 261 -3.62 -40.94 2.37
C VAL D 261 -4.29 -41.93 3.32
N ILE D 262 -5.63 -41.88 3.34
CA ILE D 262 -6.44 -42.82 4.12
C ILE D 262 -7.50 -43.41 3.22
N ALA D 263 -7.35 -43.23 1.91
CA ALA D 263 -8.22 -43.86 0.93
C ALA D 263 -7.45 -44.55 -0.18
N VAL D 264 -6.12 -44.46 -0.16
CA VAL D 264 -5.25 -45.39 -0.88
C VAL D 264 -4.64 -46.40 0.08
N LEU D 265 -4.61 -46.09 1.38
CA LEU D 265 -3.96 -46.77 2.50
C LEU D 265 -4.15 -48.28 2.60
N PRO D 266 -5.26 -48.92 2.15
CA PRO D 266 -5.23 -50.39 2.07
C PRO D 266 -4.29 -50.96 1.01
N LEU D 267 -2.97 -50.88 1.23
CA LEU D 267 -2.06 -51.64 0.38
C LEU D 267 -2.24 -53.14 0.59
N LEU D 268 -2.43 -53.56 1.85
CA LEU D 268 -2.60 -54.96 2.26
C LEU D 268 -1.51 -55.90 1.74
N ASP D 281 -18.87 -57.93 5.31
CA ASP D 281 -20.28 -58.28 5.45
C ASP D 281 -21.14 -57.58 4.41
N ILE D 282 -20.92 -56.28 4.19
CA ILE D 282 -21.60 -55.56 3.14
C ILE D 282 -20.65 -54.92 2.13
N PHE D 283 -19.40 -54.67 2.50
CA PHE D 283 -18.37 -54.22 1.57
C PHE D 283 -17.47 -55.39 1.24
N PRO D 284 -17.24 -55.72 -0.03
CA PRO D 284 -16.62 -57.01 -0.38
C PRO D 284 -15.20 -57.27 0.12
N HIS D 285 -14.21 -56.55 -0.37
CA HIS D 285 -12.82 -56.85 -0.01
C HIS D 285 -12.27 -55.87 1.02
N ILE D 286 -12.91 -55.73 2.18
CA ILE D 286 -12.41 -54.87 3.25
C ILE D 286 -12.52 -55.64 4.56
N ASP D 287 -11.41 -55.76 5.27
CA ASP D 287 -11.39 -56.50 6.52
C ASP D 287 -12.17 -55.79 7.61
N GLU D 288 -12.54 -56.55 8.65
CA GLU D 288 -13.39 -56.03 9.72
C GLU D 288 -12.66 -55.07 10.64
N THR D 289 -11.33 -55.06 10.62
CA THR D 289 -10.57 -54.16 11.47
C THR D 289 -10.27 -52.83 10.81
N TYR D 290 -10.93 -52.49 9.71
CA TYR D 290 -10.73 -51.21 9.05
C TYR D 290 -11.92 -50.28 9.19
N LEU D 291 -13.14 -50.81 9.26
CA LEU D 291 -14.29 -49.95 9.49
C LEU D 291 -14.36 -49.42 10.91
N MET D 292 -13.64 -50.03 11.86
CA MET D 292 -13.52 -49.49 13.19
C MET D 292 -12.43 -48.43 13.28
N PHE D 293 -11.78 -48.12 12.16
CA PHE D 293 -10.80 -47.05 12.05
C PHE D 293 -11.33 -45.85 11.29
N TRP D 294 -12.19 -46.07 10.31
CA TRP D 294 -12.80 -44.93 9.62
C TRP D 294 -13.86 -44.28 10.49
N ILE D 295 -14.65 -45.08 11.19
CA ILE D 295 -15.69 -44.54 12.06
C ILE D 295 -15.07 -43.90 13.29
N GLY D 296 -13.99 -44.49 13.82
CA GLY D 296 -13.30 -43.95 14.97
C GLY D 296 -12.54 -42.65 14.74
N VAL D 297 -12.53 -42.12 13.52
CA VAL D 297 -11.98 -40.82 13.23
C VAL D 297 -13.06 -39.85 12.77
N THR D 298 -14.02 -40.33 11.99
CA THR D 298 -15.12 -39.49 11.51
C THR D 298 -16.13 -39.19 12.63
N SER D 299 -16.08 -39.92 13.75
CA SER D 299 -16.93 -39.55 14.88
C SER D 299 -16.46 -38.25 15.52
N VAL D 300 -15.16 -38.12 15.78
CA VAL D 300 -14.66 -36.91 16.45
C VAL D 300 -14.53 -35.73 15.52
N LEU D 301 -14.85 -35.87 14.24
CA LEU D 301 -15.16 -34.71 13.43
C LEU D 301 -16.64 -34.38 13.43
N LEU D 302 -17.44 -35.05 14.24
CA LEU D 302 -18.82 -34.63 14.49
C LEU D 302 -19.09 -34.35 15.96
N LEU D 303 -18.06 -34.33 16.79
CA LEU D 303 -18.19 -33.88 18.17
C LEU D 303 -17.37 -32.62 18.44
N PHE D 304 -16.89 -31.96 17.38
CA PHE D 304 -16.50 -30.57 17.43
C PHE D 304 -17.35 -29.73 16.48
N ILE D 305 -18.50 -30.25 16.06
CA ILE D 305 -19.51 -29.45 15.38
C ILE D 305 -20.78 -29.36 16.21
N VAL D 306 -21.05 -30.34 17.07
CA VAL D 306 -22.11 -30.24 18.06
C VAL D 306 -21.53 -29.71 19.38
N TYR D 307 -20.36 -29.13 19.33
CA TYR D 307 -19.80 -28.35 20.43
C TYR D 307 -19.43 -26.94 20.03
N ALA D 308 -18.97 -26.73 18.80
CA ALA D 308 -18.65 -25.40 18.31
C ALA D 308 -19.85 -24.73 17.64
N TYR D 309 -21.06 -25.17 17.96
CA TYR D 309 -22.24 -24.33 17.81
C TYR D 309 -23.11 -24.42 19.06
N MET D 310 -22.53 -24.83 20.19
CA MET D 310 -23.10 -24.67 21.52
C MET D 310 -22.16 -23.89 22.41
N TYR D 311 -21.26 -23.12 21.80
CA TYR D 311 -20.50 -22.09 22.48
C TYR D 311 -20.62 -20.76 21.76
N ILE D 312 -21.21 -20.76 20.56
CA ILE D 312 -21.72 -19.56 19.95
C ILE D 312 -23.11 -19.23 20.51
N LEU D 313 -23.94 -20.24 20.72
CA LEU D 313 -25.29 -20.03 21.23
C LEU D 313 -25.31 -19.90 22.76
N TRP D 314 -24.16 -19.71 23.38
CA TRP D 314 -24.09 -19.37 24.79
C TRP D 314 -23.35 -18.08 25.05
N LYS D 315 -22.17 -17.90 24.44
CA LYS D 315 -21.44 -16.65 24.61
C LYS D 315 -22.17 -15.48 23.98
N ALA D 316 -22.86 -15.70 22.87
CA ALA D 316 -23.66 -14.65 22.27
C ALA D 316 -25.08 -14.61 22.81
N HIS D 317 -25.36 -15.25 23.94
CA HIS D 317 -26.58 -15.03 24.70
C HIS D 317 -26.36 -14.20 25.96
N SER D 318 -25.34 -14.54 26.75
CA SER D 318 -25.05 -13.75 27.95
C SER D 318 -24.50 -12.38 27.58
N HIS D 319 -24.00 -12.23 26.35
CA HIS D 319 -23.69 -10.90 25.84
C HIS D 319 -24.95 -10.09 25.58
N ALA D 320 -26.04 -10.74 25.18
CA ALA D 320 -27.22 -10.00 24.80
C ALA D 320 -28.03 -9.54 25.99
N VAL D 321 -27.66 -9.94 27.20
CA VAL D 321 -28.29 -9.39 28.40
C VAL D 321 -27.67 -8.04 28.76
N ARG D 322 -26.33 -7.97 28.77
CA ARG D 322 -25.61 -6.88 29.39
C ARG D 322 -25.76 -5.56 28.64
N MET D 323 -26.01 -5.61 27.34
CA MET D 323 -26.04 -4.38 26.54
C MET D 323 -27.43 -4.02 26.04
N ILE D 324 -28.48 -4.43 26.75
CA ILE D 324 -29.83 -3.93 26.52
C ILE D 324 -30.35 -3.39 27.85
N GLN D 325 -30.09 -4.14 28.93
CA GLN D 325 -30.52 -3.77 30.28
C GLN D 325 -29.93 -2.43 30.72
N ARG D 326 -28.61 -2.34 30.81
CA ARG D 326 -27.96 -1.05 31.02
C ARG D 326 -27.65 -0.37 29.69
N GLY D 327 -27.44 -1.17 28.65
CA GLY D 327 -26.47 -0.84 27.63
C GLY D 327 -26.84 0.30 26.71
N THR D 328 -28.12 0.65 26.64
CA THR D 328 -28.60 1.73 25.79
C THR D 328 -29.41 2.72 26.62
N ALA D 350 -31.76 -10.09 23.61
CA ALA D 350 -33.13 -10.41 23.25
C ALA D 350 -33.45 -9.94 21.84
N ARG D 351 -32.42 -9.51 21.11
CA ARG D 351 -32.57 -9.18 19.70
C ARG D 351 -31.45 -9.83 18.90
N MET D 352 -30.40 -10.28 19.60
CA MET D 352 -29.23 -10.85 18.96
C MET D 352 -29.23 -12.37 18.95
N ASP D 353 -29.44 -13.03 20.09
CA ASP D 353 -29.44 -14.48 20.12
C ASP D 353 -30.79 -15.09 19.74
N ILE D 354 -31.72 -14.29 19.20
CA ILE D 354 -32.92 -14.82 18.59
C ILE D 354 -32.89 -14.67 17.07
N ARG D 355 -31.83 -14.06 16.53
CA ARG D 355 -31.51 -14.22 15.11
C ARG D 355 -30.26 -15.04 14.90
N LEU D 356 -29.72 -15.64 15.97
CA LEU D 356 -28.73 -16.71 15.90
C LEU D 356 -29.24 -18.01 16.48
N ALA D 357 -30.53 -18.13 16.70
CA ALA D 357 -31.12 -19.38 17.17
C ALA D 357 -32.20 -19.89 16.23
N LYS D 358 -32.18 -19.44 14.99
CA LYS D 358 -33.02 -20.03 13.96
C LYS D 358 -32.28 -20.24 12.65
N THR D 359 -31.01 -19.84 12.57
CA THR D 359 -30.08 -20.31 11.56
C THR D 359 -28.90 -21.05 12.15
N LEU D 360 -29.00 -21.48 13.41
CA LEU D 360 -28.00 -22.32 14.03
C LEU D 360 -28.61 -23.62 14.55
N VAL D 361 -29.93 -23.74 14.54
CA VAL D 361 -30.61 -24.99 14.84
C VAL D 361 -30.91 -25.75 13.57
N LEU D 362 -31.14 -25.06 12.45
CA LEU D 362 -31.34 -25.71 11.16
C LEU D 362 -30.09 -26.43 10.67
N ILE D 363 -28.90 -26.00 11.08
CA ILE D 363 -27.68 -26.74 10.76
C ILE D 363 -27.61 -28.07 11.50
N LEU D 364 -27.90 -28.08 12.80
CA LEU D 364 -27.76 -29.27 13.62
C LEU D 364 -28.99 -30.17 13.58
N VAL D 365 -29.90 -29.96 12.64
CA VAL D 365 -31.05 -30.83 12.48
C VAL D 365 -30.98 -31.41 11.07
N VAL D 366 -30.00 -30.94 10.29
CA VAL D 366 -29.71 -31.54 8.99
C VAL D 366 -28.39 -32.29 9.01
N LEU D 367 -27.60 -32.14 10.06
CA LEU D 367 -26.33 -32.84 10.22
C LEU D 367 -26.44 -34.07 11.11
N ILE D 368 -27.52 -34.19 11.88
CA ILE D 368 -27.71 -35.37 12.72
C ILE D 368 -28.71 -36.34 12.12
N ILE D 369 -29.42 -35.96 11.06
CA ILE D 369 -30.31 -36.88 10.36
C ILE D 369 -29.77 -37.17 8.96
N CYS D 370 -28.46 -37.04 8.76
CA CYS D 370 -27.82 -37.53 7.56
C CYS D 370 -26.50 -38.24 7.82
N TRP D 371 -25.90 -38.07 8.99
CA TRP D 371 -24.73 -38.83 9.38
C TRP D 371 -25.03 -39.68 10.59
N GLY D 372 -26.31 -39.91 10.87
CA GLY D 372 -26.74 -40.64 12.03
C GLY D 372 -27.47 -41.95 11.77
N PRO D 373 -28.28 -42.05 10.70
CA PRO D 373 -28.71 -43.39 10.29
C PRO D 373 -27.60 -44.21 9.66
N LEU D 374 -26.83 -43.65 8.72
CA LEU D 374 -25.90 -44.49 7.97
C LEU D 374 -24.60 -44.73 8.72
N LEU D 375 -24.31 -43.96 9.76
CA LEU D 375 -23.25 -44.36 10.67
C LEU D 375 -23.75 -45.26 11.78
N ALA D 376 -25.03 -45.61 11.78
CA ALA D 376 -25.56 -46.55 12.77
C ALA D 376 -25.67 -47.96 12.22
N ILE D 377 -26.01 -48.10 10.94
CA ILE D 377 -26.09 -49.41 10.32
C ILE D 377 -24.69 -50.00 10.13
N MET D 378 -23.69 -49.14 9.91
CA MET D 378 -22.30 -49.59 9.83
C MET D 378 -21.77 -50.16 11.13
N VAL D 379 -22.38 -49.83 12.27
CA VAL D 379 -21.97 -50.45 13.53
C VAL D 379 -22.56 -51.86 13.65
N TYR D 380 -23.65 -52.14 12.93
CA TYR D 380 -24.27 -53.46 13.01
C TYR D 380 -23.42 -54.54 12.33
N ASP D 381 -22.48 -54.17 11.48
CA ASP D 381 -21.59 -55.15 10.85
C ASP D 381 -20.43 -55.52 11.76
N VAL D 382 -19.92 -54.57 12.52
CA VAL D 382 -18.79 -54.87 13.39
C VAL D 382 -19.26 -55.59 14.64
N PHE D 383 -20.36 -55.15 15.24
CA PHE D 383 -20.71 -55.50 16.60
C PHE D 383 -21.52 -56.77 16.73
N GLY D 384 -21.35 -57.71 15.82
CA GLY D 384 -22.05 -58.98 15.95
C GLY D 384 -22.30 -59.59 14.58
N LYS D 385 -23.54 -60.01 14.38
CA LYS D 385 -23.94 -60.67 13.15
C LYS D 385 -24.68 -59.72 12.22
N MET D 386 -25.08 -60.25 11.07
CA MET D 386 -25.94 -59.55 10.14
C MET D 386 -27.13 -60.43 9.78
N ASN D 387 -28.07 -59.85 9.04
CA ASN D 387 -29.28 -60.55 8.61
C ASN D 387 -29.58 -60.11 7.19
N LYS D 388 -30.79 -60.40 6.71
CA LYS D 388 -31.11 -60.12 5.33
C LYS D 388 -31.62 -58.70 5.12
N LEU D 389 -32.69 -58.30 5.82
CA LEU D 389 -33.38 -57.04 5.58
C LEU D 389 -32.62 -55.81 6.05
N ILE D 390 -31.42 -55.98 6.60
CA ILE D 390 -30.50 -54.86 6.78
C ILE D 390 -29.75 -54.58 5.48
N LYS D 391 -29.43 -55.61 4.70
CA LYS D 391 -28.81 -55.41 3.39
C LYS D 391 -29.76 -54.79 2.38
N THR D 392 -31.06 -55.00 2.52
CA THR D 392 -32.04 -54.46 1.59
C THR D 392 -32.47 -53.05 1.93
N VAL D 393 -31.90 -52.44 2.97
CA VAL D 393 -32.24 -51.07 3.36
C VAL D 393 -31.01 -50.17 3.42
N PHE D 394 -29.81 -50.73 3.37
CA PHE D 394 -28.60 -49.93 3.28
C PHE D 394 -28.47 -49.26 1.92
N ALA D 395 -29.17 -49.77 0.91
CA ALA D 395 -29.19 -49.15 -0.41
C ALA D 395 -30.04 -47.89 -0.49
N PHE D 396 -31.05 -47.73 0.37
CA PHE D 396 -31.76 -46.48 0.48
C PHE D 396 -31.19 -45.55 1.54
N CYS D 397 -30.54 -46.09 2.57
CA CYS D 397 -29.91 -45.29 3.61
C CYS D 397 -28.61 -44.67 3.12
N SER D 398 -28.08 -45.14 2.00
CA SER D 398 -26.93 -44.51 1.36
C SER D 398 -27.33 -43.41 0.38
N MET D 399 -28.63 -43.25 0.11
CA MET D 399 -29.12 -42.08 -0.60
C MET D 399 -29.31 -40.87 0.31
N LEU D 400 -28.89 -40.94 1.57
CA LEU D 400 -28.86 -39.75 2.40
C LEU D 400 -27.68 -38.85 2.04
N CYS D 401 -26.65 -39.40 1.39
CA CYS D 401 -25.49 -38.62 1.00
C CYS D 401 -25.79 -37.72 -0.20
N LEU D 402 -26.80 -38.04 -1.01
CA LEU D 402 -27.28 -37.10 -2.02
C LEU D 402 -28.22 -36.07 -1.45
N LEU D 403 -28.72 -36.26 -0.24
CA LEU D 403 -29.48 -35.22 0.44
C LEU D 403 -28.60 -34.18 1.09
N ASN D 404 -27.48 -34.60 1.69
CA ASN D 404 -26.53 -33.65 2.26
C ASN D 404 -25.47 -33.27 1.23
N SER D 405 -25.94 -32.98 0.02
CA SER D 405 -25.18 -32.30 -1.02
C SER D 405 -25.98 -31.26 -1.77
N THR D 406 -27.31 -31.34 -1.77
CA THR D 406 -28.15 -30.34 -2.41
C THR D 406 -28.44 -29.18 -1.46
N VAL D 407 -28.65 -29.48 -0.18
CA VAL D 407 -29.11 -28.47 0.77
C VAL D 407 -27.98 -27.62 1.34
N ASN D 408 -26.72 -28.01 1.17
CA ASN D 408 -25.64 -27.16 1.66
C ASN D 408 -25.49 -25.83 0.94
N PRO D 409 -25.80 -25.68 -0.37
CA PRO D 409 -26.05 -24.32 -0.86
C PRO D 409 -27.49 -23.84 -0.68
N ILE D 410 -28.08 -24.09 0.49
CA ILE D 410 -29.33 -23.47 0.90
C ILE D 410 -29.07 -22.96 2.32
N ILE D 411 -28.07 -23.54 2.97
CA ILE D 411 -27.82 -23.29 4.38
C ILE D 411 -26.60 -22.39 4.57
N TYR D 412 -25.57 -22.55 3.74
CA TYR D 412 -24.35 -21.78 3.93
C TYR D 412 -24.19 -20.61 2.97
N ALA D 413 -24.36 -20.82 1.67
CA ALA D 413 -24.03 -19.79 0.70
C ALA D 413 -25.18 -18.84 0.41
N LEU D 414 -26.41 -19.28 0.62
CA LEU D 414 -27.54 -18.38 0.39
C LEU D 414 -27.89 -17.62 1.68
N ARG D 415 -27.45 -18.13 2.83
CA ARG D 415 -27.67 -17.45 4.11
C ARG D 415 -26.55 -16.45 4.39
N SER D 416 -26.47 -15.44 3.53
CA SER D 416 -25.62 -14.28 3.76
C SER D 416 -26.15 -13.13 2.92
N LYS D 417 -25.74 -11.92 3.29
CA LYS D 417 -26.05 -10.74 2.51
C LYS D 417 -24.96 -10.38 1.52
N ASP D 418 -23.74 -10.85 1.76
CA ASP D 418 -22.63 -10.62 0.85
C ASP D 418 -22.84 -11.37 -0.47
N LEU D 419 -23.17 -12.66 -0.39
CA LEU D 419 -23.42 -13.45 -1.58
C LEU D 419 -24.79 -13.19 -2.17
N ARG D 420 -25.63 -12.39 -1.51
CA ARG D 420 -26.93 -12.02 -2.04
C ARG D 420 -26.96 -10.57 -2.51
N HIS D 421 -25.98 -9.75 -2.12
CA HIS D 421 -25.71 -8.49 -2.80
C HIS D 421 -24.98 -8.70 -4.12
N ALA D 422 -24.03 -9.64 -4.15
CA ALA D 422 -23.32 -9.97 -5.37
C ALA D 422 -24.21 -10.70 -6.37
N PHE D 423 -25.31 -11.27 -5.90
CA PHE D 423 -26.21 -12.00 -6.79
C PHE D 423 -27.03 -11.04 -7.65
N ARG D 424 -27.25 -9.80 -7.16
CA ARG D 424 -28.21 -8.93 -7.79
C ARG D 424 -27.66 -8.29 -9.07
N SER D 425 -26.42 -7.85 -9.07
CA SER D 425 -25.89 -7.09 -10.20
C SER D 425 -25.46 -7.96 -11.37
N MET D 426 -25.68 -9.28 -11.30
CA MET D 426 -25.45 -10.17 -12.43
C MET D 426 -26.76 -10.77 -12.91
N VAL E 2 32.74 9.76 12.09
CA VAL E 2 32.77 8.34 11.79
C VAL E 2 34.13 7.78 12.17
N GLN E 3 34.14 6.74 13.00
CA GLN E 3 35.38 6.10 13.42
C GLN E 3 35.20 4.59 13.48
N LEU E 4 36.29 3.88 13.24
CA LEU E 4 36.41 2.46 13.55
C LEU E 4 37.70 2.29 14.34
N VAL E 5 37.59 1.89 15.60
CA VAL E 5 38.74 1.77 16.48
C VAL E 5 38.86 0.34 16.96
N GLU E 6 40.04 -0.24 16.80
CA GLU E 6 40.22 -1.68 16.90
C GLU E 6 41.51 -2.00 17.63
N SER E 7 41.52 -3.14 18.32
CA SER E 7 42.62 -3.50 19.19
C SER E 7 42.70 -5.01 19.35
N GLY E 8 43.82 -5.44 19.95
CA GLY E 8 44.16 -6.85 20.06
C GLY E 8 45.62 -7.09 19.75
N GLY E 9 45.90 -8.24 19.14
CA GLY E 9 47.24 -8.49 18.62
C GLY E 9 48.25 -8.86 19.70
N GLY E 10 49.52 -8.88 19.29
CA GLY E 10 50.62 -9.22 20.16
C GLY E 10 51.45 -10.38 19.66
N LEU E 11 52.21 -10.96 20.60
CA LEU E 11 53.08 -12.09 20.30
C LEU E 11 52.39 -13.40 20.69
N VAL E 12 52.30 -14.31 19.72
CA VAL E 12 51.56 -15.57 19.88
C VAL E 12 52.50 -16.72 19.52
N GLN E 13 52.56 -17.72 20.40
CA GLN E 13 53.27 -18.96 20.10
C GLN E 13 52.47 -19.73 19.04
N PRO E 14 53.11 -20.40 18.09
CA PRO E 14 52.35 -21.09 17.03
C PRO E 14 51.52 -22.25 17.56
N GLY E 15 50.26 -22.29 17.13
CA GLY E 15 49.27 -23.19 17.69
C GLY E 15 48.32 -22.54 18.67
N GLY E 16 48.54 -21.29 19.03
CA GLY E 16 47.70 -20.60 19.99
C GLY E 16 46.44 -20.04 19.36
N SER E 17 45.85 -19.07 20.05
CA SER E 17 44.59 -18.46 19.65
C SER E 17 44.48 -17.04 20.17
N ARG E 18 43.88 -16.16 19.37
CA ARG E 18 43.51 -14.82 19.81
C ARG E 18 42.16 -14.48 19.20
N LYS E 19 41.60 -13.36 19.63
CA LYS E 19 40.46 -12.76 18.96
C LYS E 19 40.73 -11.29 18.73
N LEU E 20 40.07 -10.74 17.71
CA LEU E 20 40.21 -9.34 17.35
C LEU E 20 38.85 -8.67 17.48
N SER E 21 38.86 -7.35 17.68
CA SER E 21 37.64 -6.62 17.98
C SER E 21 37.78 -5.18 17.53
N CYS E 22 36.71 -4.62 16.96
CA CYS E 22 36.65 -3.21 16.61
C CYS E 22 35.39 -2.59 17.22
N SER E 23 35.33 -1.27 17.23
CA SER E 23 34.21 -0.52 17.79
C SER E 23 33.78 0.56 16.80
N ALA E 24 32.48 0.83 16.74
CA ALA E 24 31.93 1.86 15.87
C ALA E 24 31.34 3.00 16.72
N SER E 25 31.25 4.19 16.14
CA SER E 25 30.85 5.39 16.86
C SER E 25 29.71 6.09 16.15
N GLY E 26 28.49 5.97 16.69
CA GLY E 26 27.33 6.51 16.04
C GLY E 26 26.96 5.65 14.85
N PHE E 27 27.25 6.15 13.65
CA PHE E 27 27.68 5.34 12.52
C PHE E 27 26.58 4.51 11.84
N ALA E 28 25.41 4.37 12.49
CA ALA E 28 24.31 3.48 12.06
C ALA E 28 24.79 2.09 11.64
N PHE E 29 25.44 1.41 12.59
CA PHE E 29 26.19 0.16 12.39
C PHE E 29 25.37 -0.98 11.80
N SER E 30 24.06 -0.97 11.98
CA SER E 30 23.26 -2.14 11.65
C SER E 30 22.77 -2.18 10.21
N SER E 31 23.26 -1.29 9.34
CA SER E 31 22.91 -1.33 7.92
C SER E 31 24.10 -1.57 7.02
N PHE E 32 25.29 -1.74 7.58
CA PHE E 32 26.52 -1.87 6.82
C PHE E 32 27.04 -3.29 6.89
N GLY E 33 27.36 -3.87 5.74
CA GLY E 33 28.11 -5.11 5.72
C GLY E 33 29.55 -4.84 6.06
N MET E 34 30.27 -5.82 6.59
CA MET E 34 31.63 -5.63 7.08
C MET E 34 32.59 -6.64 6.47
N HIS E 35 33.85 -6.24 6.36
CA HIS E 35 34.94 -7.04 5.82
C HIS E 35 36.11 -7.05 6.78
N TRP E 36 37.07 -7.93 6.51
CA TRP E 36 38.40 -7.88 7.13
C TRP E 36 39.41 -8.03 5.99
N VAL E 37 40.23 -7.00 5.80
CA VAL E 37 41.25 -6.99 4.75
C VAL E 37 42.62 -6.93 5.44
N ARG E 38 43.63 -7.50 4.80
CA ARG E 38 44.88 -7.91 5.42
C ARG E 38 46.05 -7.48 4.54
N GLN E 39 47.17 -7.11 5.16
CA GLN E 39 48.39 -7.00 4.36
C GLN E 39 49.60 -7.41 5.19
N ALA E 40 50.56 -8.04 4.52
CA ALA E 40 51.78 -8.55 5.10
C ALA E 40 52.81 -7.42 5.19
N PRO E 41 53.90 -7.60 5.95
CA PRO E 41 54.98 -6.59 5.91
C PRO E 41 55.65 -6.50 4.55
N GLU E 42 55.65 -5.29 3.99
CA GLU E 42 56.25 -4.93 2.71
C GLU E 42 55.68 -5.72 1.52
N LYS E 43 54.44 -6.18 1.63
CA LYS E 43 53.74 -6.90 0.58
C LYS E 43 52.45 -6.17 0.23
N GLY E 44 51.63 -6.78 -0.62
CA GLY E 44 50.39 -6.18 -1.06
C GLY E 44 49.23 -6.49 -0.13
N LEU E 45 48.04 -6.06 -0.55
CA LEU E 45 46.83 -6.30 0.21
C LEU E 45 46.27 -7.69 -0.10
N GLU E 46 45.37 -8.15 0.77
CA GLU E 46 44.79 -9.48 0.70
C GLU E 46 43.48 -9.49 1.48
N TRP E 47 42.51 -10.27 1.01
CA TRP E 47 41.15 -10.26 1.55
C TRP E 47 40.89 -11.51 2.37
N VAL E 48 40.07 -11.38 3.42
CA VAL E 48 39.88 -12.50 4.36
C VAL E 48 38.43 -12.96 4.48
N ALA E 49 37.53 -12.12 4.97
CA ALA E 49 36.21 -12.63 5.39
C ALA E 49 35.14 -11.57 5.16
N TYR E 50 33.89 -11.93 5.46
CA TYR E 50 32.73 -11.08 5.21
C TYR E 50 31.55 -11.55 6.04
N ILE E 51 30.85 -10.59 6.66
CA ILE E 51 29.60 -10.87 7.35
C ILE E 51 28.56 -9.80 7.02
N SER E 52 27.41 -10.22 6.52
CA SER E 52 26.46 -9.29 5.92
C SER E 52 25.67 -8.55 6.98
N SER E 53 24.71 -7.75 6.51
CA SER E 53 23.79 -7.09 7.42
C SER E 53 22.66 -8.05 7.79
N GLY E 54 22.43 -8.18 9.09
CA GLY E 54 21.45 -9.14 9.56
C GLY E 54 22.03 -10.52 9.79
N SER E 55 23.35 -10.65 9.66
CA SER E 55 24.12 -11.87 9.97
C SER E 55 23.65 -13.07 9.17
N GLY E 56 23.42 -12.88 7.89
CA GLY E 56 22.92 -13.92 7.01
C GLY E 56 24.07 -14.51 6.24
N THR E 57 24.29 -14.01 5.02
CA THR E 57 25.40 -14.42 4.18
C THR E 57 26.74 -14.19 4.85
N ILE E 58 27.51 -15.27 5.01
CA ILE E 58 28.87 -15.23 5.53
C ILE E 58 29.76 -15.97 4.54
N TYR E 59 30.88 -15.36 4.16
CA TYR E 59 31.80 -15.90 3.18
C TYR E 59 33.21 -15.90 3.74
N TYR E 60 34.09 -16.69 3.13
CA TYR E 60 35.47 -16.81 3.60
C TYR E 60 36.38 -16.95 2.40
N ALA E 61 37.68 -16.96 2.69
CA ALA E 61 38.69 -17.28 1.70
C ALA E 61 39.06 -18.75 1.78
N ASP E 62 39.64 -19.26 0.69
CA ASP E 62 39.99 -20.69 0.64
C ASP E 62 41.27 -20.99 1.39
N THR E 63 42.00 -19.97 1.83
CA THR E 63 43.15 -20.14 2.70
C THR E 63 42.76 -20.25 4.16
N VAL E 64 41.67 -19.61 4.57
CA VAL E 64 41.27 -19.51 5.97
C VAL E 64 39.92 -20.19 6.22
N LYS E 65 39.58 -21.22 5.44
CA LYS E 65 38.23 -21.76 5.44
C LYS E 65 37.87 -22.45 6.75
N GLY E 66 38.83 -23.11 7.39
CA GLY E 66 38.51 -23.88 8.57
C GLY E 66 39.14 -23.43 9.88
N ARG E 67 39.83 -22.30 9.88
CA ARG E 67 40.51 -21.83 11.07
C ARG E 67 39.91 -20.57 11.67
N PHE E 68 39.39 -19.67 10.84
CA PHE E 68 38.92 -18.36 11.23
C PHE E 68 37.41 -18.33 11.17
N THR E 69 36.77 -17.71 12.16
CA THR E 69 35.34 -17.53 12.14
C THR E 69 34.99 -16.11 12.57
N ILE E 70 33.90 -15.59 11.99
CA ILE E 70 33.53 -14.19 12.11
C ILE E 70 32.12 -14.09 12.70
N SER E 71 31.89 -13.03 13.47
CA SER E 71 30.60 -12.85 14.12
C SER E 71 30.39 -11.37 14.43
N ARG E 72 29.13 -11.00 14.61
CA ARG E 72 28.72 -9.62 14.82
C ARG E 72 27.95 -9.49 16.12
N ASP E 73 28.39 -8.58 17.00
CA ASP E 73 27.67 -8.27 18.24
C ASP E 73 26.96 -6.93 18.04
N ASP E 74 25.70 -7.02 17.63
CA ASP E 74 25.04 -5.88 16.99
C ASP E 74 24.52 -4.80 17.95
N PRO E 75 23.88 -5.08 19.10
CA PRO E 75 23.46 -3.94 19.96
C PRO E 75 24.60 -3.24 20.67
N LYS E 76 25.77 -3.86 20.77
CA LYS E 76 26.92 -3.26 21.44
C LYS E 76 27.90 -2.58 20.47
N ASN E 77 27.61 -2.61 19.16
CA ASN E 77 28.42 -1.99 18.10
C ASN E 77 29.86 -2.49 18.10
N THR E 78 30.02 -3.79 17.87
CA THR E 78 31.33 -4.45 17.97
C THR E 78 31.38 -5.60 16.99
N LEU E 79 32.50 -5.75 16.28
CA LEU E 79 32.72 -6.82 15.31
C LEU E 79 33.86 -7.72 15.78
N PHE E 80 33.74 -9.02 15.51
CA PHE E 80 34.58 -10.07 16.07
C PHE E 80 35.24 -10.90 14.98
N LEU E 81 36.43 -11.42 15.29
CA LEU E 81 37.07 -12.44 14.46
C LEU E 81 37.88 -13.34 15.37
N GLN E 82 37.61 -14.64 15.33
CA GLN E 82 38.19 -15.63 16.23
C GLN E 82 39.22 -16.46 15.49
N MET E 83 40.41 -16.59 16.06
CA MET E 83 41.53 -17.28 15.42
C MET E 83 41.79 -18.61 16.12
N THR E 84 42.08 -19.64 15.33
CA THR E 84 42.43 -20.96 15.84
C THR E 84 43.60 -21.52 15.05
N SER E 85 44.61 -22.01 15.78
CA SER E 85 45.78 -22.73 15.23
C SER E 85 46.56 -21.86 14.22
N LEU E 86 47.15 -20.79 14.75
CA LEU E 86 47.86 -19.83 13.92
C LEU E 86 49.16 -20.42 13.37
N ARG E 87 49.51 -20.00 12.16
CA ARG E 87 50.71 -20.45 11.47
C ARG E 87 51.60 -19.23 11.20
N SER E 88 52.71 -19.45 10.50
CA SER E 88 53.63 -18.36 10.21
C SER E 88 53.14 -17.47 9.08
N GLU E 89 52.16 -17.90 8.30
CA GLU E 89 51.62 -17.08 7.23
C GLU E 89 50.59 -16.08 7.70
N ASP E 90 50.37 -15.97 9.02
CA ASP E 90 49.37 -15.07 9.57
C ASP E 90 49.95 -13.82 10.20
N THR E 91 51.21 -13.49 9.91
CA THR E 91 51.83 -12.27 10.42
C THR E 91 51.50 -11.12 9.47
N ALA E 92 50.64 -10.20 9.93
CA ALA E 92 50.06 -9.22 9.01
C ALA E 92 49.44 -8.08 9.81
N MET E 93 48.77 -7.19 9.08
CA MET E 93 47.89 -6.16 9.63
C MET E 93 46.45 -6.57 9.36
N TYR E 94 45.51 -5.95 10.07
CA TYR E 94 44.10 -6.28 9.92
C TYR E 94 43.26 -5.02 9.92
N TYR E 95 42.32 -4.91 8.99
CA TYR E 95 41.57 -3.68 8.74
C TYR E 95 40.08 -3.99 8.70
N CYS E 96 39.29 -3.21 9.44
CA CYS E 96 37.84 -3.31 9.34
C CYS E 96 37.32 -2.30 8.32
N VAL E 97 36.47 -2.75 7.40
CA VAL E 97 36.10 -1.99 6.22
C VAL E 97 34.57 -1.95 6.11
N ARG E 98 34.02 -0.77 5.85
CA ARG E 98 32.59 -0.52 5.73
C ARG E 98 32.13 -0.76 4.29
N SER E 99 30.83 -1.10 4.12
CA SER E 99 30.22 -1.17 2.79
C SER E 99 28.70 -1.12 2.89
N ILE E 100 28.06 -0.65 1.81
CA ILE E 100 26.61 -0.64 1.63
C ILE E 100 26.29 -1.07 0.21
N TYR E 101 25.24 -1.87 0.05
CA TYR E 101 24.84 -2.37 -1.26
C TYR E 101 23.38 -2.05 -1.52
N TYR E 102 23.14 -1.04 -2.36
CA TYR E 102 21.87 -0.77 -2.99
C TYR E 102 22.17 -0.03 -4.28
N TYR E 103 21.13 0.47 -4.94
CA TYR E 103 21.33 1.14 -6.21
C TYR E 103 21.91 2.53 -6.02
N GLY E 104 23.12 2.74 -6.53
CA GLY E 104 23.76 4.03 -6.51
C GLY E 104 24.76 4.24 -5.40
N SER E 105 25.05 3.22 -4.60
CA SER E 105 25.89 3.37 -3.43
C SER E 105 27.37 3.37 -3.81
N SER E 106 28.23 3.35 -2.79
CA SER E 106 29.68 3.38 -2.98
C SER E 106 30.33 2.52 -1.91
N PRO E 107 30.56 1.24 -2.19
CA PRO E 107 31.20 0.37 -1.20
C PRO E 107 32.66 0.71 -0.99
N PHE E 108 33.21 0.17 0.12
CA PHE E 108 34.63 0.23 0.47
C PHE E 108 35.13 1.66 0.66
N ASP E 109 34.53 2.38 1.59
CA ASP E 109 34.81 3.81 1.71
C ASP E 109 35.34 4.23 3.08
N PHE E 110 35.53 3.31 4.03
CA PHE E 110 36.14 3.72 5.30
C PHE E 110 36.93 2.57 5.89
N TRP E 111 38.25 2.73 5.97
CA TRP E 111 39.15 1.81 6.65
C TRP E 111 39.42 2.24 8.08
N GLY E 112 39.66 1.26 8.94
CA GLY E 112 40.12 1.53 10.28
C GLY E 112 41.60 1.87 10.31
N GLN E 113 42.14 1.91 11.53
CA GLN E 113 43.54 2.28 11.69
C GLN E 113 44.47 1.08 11.80
N GLY E 114 43.94 -0.13 11.94
CA GLY E 114 44.74 -1.33 11.87
C GLY E 114 45.23 -1.82 13.21
N THR E 115 45.69 -3.08 13.20
CA THR E 115 46.18 -3.77 14.39
C THR E 115 47.28 -4.75 13.98
N THR E 116 48.43 -4.65 14.64
CA THR E 116 49.56 -5.52 14.34
C THR E 116 49.37 -6.89 14.97
N LEU E 117 49.93 -7.91 14.34
CA LEU E 117 49.92 -9.28 14.86
C LEU E 117 51.11 -10.02 14.29
N THR E 118 52.06 -10.41 15.14
CA THR E 118 53.23 -11.15 14.73
C THR E 118 53.33 -12.44 15.53
N VAL E 119 53.19 -13.58 14.85
CA VAL E 119 53.32 -14.86 15.53
C VAL E 119 54.80 -15.15 15.75
N SER E 120 55.07 -16.07 16.67
CA SER E 120 56.43 -16.36 17.07
C SER E 120 57.16 -17.14 15.97
N SER E 121 58.49 -17.13 16.06
CA SER E 121 59.32 -17.80 15.07
C SER E 121 60.42 -18.60 15.77
N SER E 136 40.57 -20.61 -11.36
CA SER E 136 39.21 -20.34 -10.94
C SER E 136 39.05 -18.90 -10.47
N ASP E 137 40.14 -18.29 -10.01
CA ASP E 137 40.13 -16.95 -9.45
C ASP E 137 40.57 -15.96 -10.52
N ILE E 138 39.92 -14.80 -10.54
CA ILE E 138 40.32 -13.75 -11.47
C ILE E 138 41.61 -13.13 -10.96
N VAL E 139 42.63 -13.09 -11.82
CA VAL E 139 43.97 -12.68 -11.44
C VAL E 139 44.25 -11.29 -11.98
N MET E 140 44.60 -10.36 -11.09
CA MET E 140 44.93 -8.99 -11.42
C MET E 140 46.43 -8.82 -11.45
N THR E 141 46.91 -8.00 -12.37
CA THR E 141 48.35 -7.77 -12.49
C THR E 141 48.60 -6.34 -12.95
N GLN E 142 49.68 -5.76 -12.44
CA GLN E 142 50.16 -4.46 -12.90
C GLN E 142 51.67 -4.42 -12.73
N ALA E 143 52.35 -3.93 -13.77
CA ALA E 143 53.79 -4.14 -13.91
C ALA E 143 54.65 -3.02 -13.36
N THR E 144 54.10 -1.83 -13.17
CA THR E 144 54.90 -0.67 -12.79
C THR E 144 55.37 -0.79 -11.34
N SER E 145 56.53 -0.22 -11.07
CA SER E 145 57.12 -0.27 -9.73
C SER E 145 58.09 0.89 -9.58
N SER E 146 57.72 1.86 -8.74
CA SER E 146 58.57 2.99 -8.33
C SER E 146 58.99 3.85 -9.52
N VAL E 147 58.02 4.43 -10.20
CA VAL E 147 58.31 5.30 -11.34
C VAL E 147 58.57 6.72 -10.82
N PRO E 148 59.58 7.42 -11.36
CA PRO E 148 59.81 8.82 -10.94
C PRO E 148 59.00 9.82 -11.75
N VAL E 149 58.37 10.78 -11.09
CA VAL E 149 57.49 11.74 -11.73
C VAL E 149 57.84 13.15 -11.25
N THR E 150 58.08 14.06 -12.20
CA THR E 150 58.20 15.48 -11.89
C THR E 150 56.81 16.05 -11.61
N PRO E 151 56.66 16.87 -10.56
CA PRO E 151 55.36 17.49 -10.28
C PRO E 151 54.90 18.43 -11.39
N GLY E 152 53.59 18.60 -11.48
CA GLY E 152 52.96 19.38 -12.53
C GLY E 152 52.62 18.60 -13.78
N GLU E 153 53.17 17.40 -13.94
CA GLU E 153 52.97 16.59 -15.12
C GLU E 153 51.90 15.52 -14.90
N SER E 154 51.38 14.99 -16.00
CA SER E 154 50.33 13.99 -15.96
C SER E 154 50.91 12.58 -15.92
N VAL E 155 50.26 11.70 -15.16
CA VAL E 155 50.70 10.32 -14.96
C VAL E 155 49.57 9.42 -15.42
N SER E 156 49.92 8.21 -15.84
CA SER E 156 48.93 7.19 -16.13
C SER E 156 49.40 5.86 -15.57
N ILE E 157 48.51 5.21 -14.82
CA ILE E 157 48.77 3.93 -14.17
C ILE E 157 47.72 2.95 -14.66
N SER E 158 48.14 1.72 -14.98
CA SER E 158 47.24 0.75 -15.59
C SER E 158 47.41 -0.62 -14.99
N CYS E 159 46.32 -1.37 -14.89
CA CYS E 159 46.36 -2.79 -14.55
C CYS E 159 45.49 -3.56 -15.51
N ARG E 160 45.64 -4.89 -15.49
CA ARG E 160 45.00 -5.79 -16.43
C ARG E 160 44.28 -6.91 -15.70
N SER E 161 43.33 -7.53 -16.39
CA SER E 161 42.54 -8.62 -15.84
C SER E 161 42.59 -9.82 -16.77
N SER E 162 42.38 -11.01 -16.21
CA SER E 162 42.37 -12.25 -17.00
C SER E 162 40.98 -12.64 -17.48
N LYS E 163 39.98 -11.79 -17.26
CA LYS E 163 38.61 -12.09 -17.61
C LYS E 163 37.87 -10.76 -17.67
N SER E 164 36.85 -10.69 -18.52
CA SER E 164 36.10 -9.45 -18.68
C SER E 164 35.28 -9.15 -17.44
N LEU E 165 35.42 -7.92 -16.94
CA LEU E 165 34.69 -7.48 -15.77
C LEU E 165 33.35 -6.81 -16.11
N LEU E 166 33.14 -6.47 -17.37
CA LEU E 166 31.86 -5.92 -17.79
C LEU E 166 30.78 -7.00 -17.73
N HIS E 167 29.62 -6.62 -17.22
CA HIS E 167 28.56 -7.59 -16.95
C HIS E 167 27.43 -7.30 -17.94
N SER E 168 26.42 -8.17 -17.95
CA SER E 168 25.34 -8.02 -18.91
C SER E 168 24.41 -6.87 -18.52
N ASN E 169 24.47 -6.41 -17.28
CA ASN E 169 23.62 -5.30 -16.84
C ASN E 169 24.25 -3.93 -17.07
N GLY E 170 25.50 -3.87 -17.55
CA GLY E 170 26.12 -2.62 -17.92
C GLY E 170 27.25 -2.17 -17.02
N ASN E 171 27.41 -2.76 -15.84
CA ASN E 171 28.38 -2.27 -14.88
C ASN E 171 29.73 -2.93 -15.07
N THR E 172 30.79 -2.17 -14.84
CA THR E 172 32.16 -2.67 -14.82
C THR E 172 32.68 -2.51 -13.39
N TYR E 173 33.09 -3.61 -12.79
CA TYR E 173 33.40 -3.66 -11.36
C TYR E 173 34.88 -3.56 -11.05
N LEU E 174 35.50 -2.41 -11.28
CA LEU E 174 36.89 -2.19 -10.90
C LEU E 174 36.99 -1.00 -9.95
N TYR E 175 37.74 -1.14 -8.86
CA TYR E 175 37.81 -0.11 -7.84
C TYR E 175 39.27 0.30 -7.66
N TRP E 176 39.52 1.59 -7.45
CA TRP E 176 40.87 2.14 -7.27
C TRP E 176 41.03 2.66 -5.84
N PHE E 177 42.22 2.45 -5.27
CA PHE E 177 42.59 2.86 -3.92
C PHE E 177 43.84 3.71 -3.95
N LEU E 178 44.15 4.30 -2.79
CA LEU E 178 45.37 5.08 -2.59
C LEU E 178 45.82 4.88 -1.16
N GLN E 179 47.13 4.78 -0.95
CA GLN E 179 47.67 4.61 0.41
C GLN E 179 48.92 5.45 0.58
N ARG E 180 48.77 6.57 1.27
CA ARG E 180 49.90 7.39 1.69
C ARG E 180 50.68 6.65 2.78
N PRO E 181 51.98 6.92 2.91
CA PRO E 181 52.77 6.19 3.92
C PRO E 181 52.39 6.56 5.34
N GLY E 182 52.02 5.54 6.12
CA GLY E 182 51.56 5.72 7.47
C GLY E 182 50.05 5.85 7.62
N GLN E 183 49.30 5.75 6.53
CA GLN E 183 47.87 5.98 6.55
C GLN E 183 47.12 4.69 6.22
N SER E 184 45.79 4.77 6.33
CA SER E 184 44.93 3.70 5.85
C SER E 184 44.61 3.94 4.38
N PRO E 185 44.18 2.90 3.66
CA PRO E 185 43.74 3.11 2.28
C PRO E 185 42.48 3.97 2.18
N GLN E 186 42.27 4.50 0.98
CA GLN E 186 41.20 5.46 0.73
C GLN E 186 40.59 5.18 -0.63
N LEU E 187 39.29 5.35 -0.73
CA LEU E 187 38.62 5.14 -2.01
C LEU E 187 38.80 6.35 -2.90
N LEU E 188 39.07 6.10 -4.19
CA LEU E 188 39.11 7.16 -5.18
C LEU E 188 38.06 7.00 -6.27
N ILE E 189 38.01 5.83 -6.92
CA ILE E 189 37.13 5.56 -8.05
C ILE E 189 36.36 4.31 -7.68
N TYR E 190 35.05 4.43 -7.44
CA TYR E 190 34.37 3.25 -6.91
C TYR E 190 33.76 2.37 -7.98
N ARG E 191 33.29 2.92 -9.09
CA ARG E 191 33.15 2.17 -10.32
C ARG E 191 33.68 3.10 -11.40
N MET E 192 34.22 2.50 -12.47
CA MET E 192 35.33 3.07 -13.27
C MET E 192 35.13 4.52 -13.72
N SER E 193 33.89 4.95 -13.93
CA SER E 193 33.63 6.30 -14.37
C SER E 193 33.09 7.20 -13.26
N ASN E 194 33.23 6.82 -12.00
CA ASN E 194 32.65 7.53 -10.87
C ASN E 194 33.69 7.76 -9.80
N LEU E 195 33.79 8.98 -9.29
CA LEU E 195 34.77 9.29 -8.24
C LEU E 195 34.05 9.59 -6.94
N ALA E 196 34.73 9.29 -5.84
CA ALA E 196 34.16 9.33 -4.51
C ALA E 196 34.06 10.76 -3.99
N SER E 197 33.38 10.92 -2.86
CA SER E 197 33.16 12.23 -2.27
C SER E 197 34.31 12.59 -1.35
N GLY E 198 34.79 13.83 -1.46
CA GLY E 198 35.96 14.29 -0.76
C GLY E 198 37.23 14.19 -1.57
N VAL E 199 37.13 13.82 -2.85
CA VAL E 199 38.27 13.57 -3.72
C VAL E 199 38.34 14.70 -4.74
N PRO E 200 39.52 15.28 -4.99
CA PRO E 200 39.63 16.39 -5.94
C PRO E 200 39.30 15.97 -7.36
N ASP E 201 38.89 16.96 -8.17
CA ASP E 201 38.37 16.68 -9.50
C ASP E 201 39.47 16.42 -10.53
N ARG E 202 40.74 16.52 -10.13
CA ARG E 202 41.82 16.29 -11.09
C ARG E 202 42.03 14.80 -11.37
N PHE E 203 41.45 13.91 -10.57
CA PHE E 203 41.53 12.48 -10.83
C PHE E 203 40.41 12.07 -11.78
N SER E 204 40.69 11.05 -12.59
CA SER E 204 39.73 10.52 -13.55
C SER E 204 40.10 9.08 -13.85
N GLY E 205 39.21 8.37 -14.54
CA GLY E 205 39.47 6.98 -14.83
C GLY E 205 38.66 6.46 -16.00
N SER E 206 39.30 5.70 -16.88
CA SER E 206 38.64 5.20 -18.07
C SER E 206 39.22 3.84 -18.43
N GLY E 207 38.53 3.16 -19.34
CA GLY E 207 38.95 1.84 -19.76
C GLY E 207 37.79 1.07 -20.32
N SER E 208 38.10 -0.09 -20.91
CA SER E 208 37.08 -0.92 -21.52
C SER E 208 37.55 -2.36 -21.56
N GLY E 209 36.60 -3.26 -21.32
CA GLY E 209 36.89 -4.69 -21.45
C GLY E 209 37.78 -5.19 -20.33
N THR E 210 39.04 -5.50 -20.68
CA THR E 210 40.01 -6.04 -19.76
C THR E 210 41.23 -5.13 -19.58
N ALA E 211 41.17 -3.92 -20.12
CA ALA E 211 42.28 -2.97 -20.01
C ALA E 211 41.77 -1.68 -19.39
N PHE E 212 42.38 -1.28 -18.29
CA PHE E 212 41.91 -0.13 -17.53
C PHE E 212 43.09 0.77 -17.21
N THR E 213 42.83 2.06 -17.04
CA THR E 213 43.88 2.99 -16.68
C THR E 213 43.35 4.13 -15.81
N LEU E 214 44.18 4.57 -14.87
CA LEU E 214 43.96 5.76 -14.07
C LEU E 214 44.74 6.92 -14.70
N THR E 215 44.28 8.14 -14.45
CA THR E 215 44.99 9.32 -14.93
C THR E 215 44.92 10.43 -13.89
N ILE E 216 45.98 11.23 -13.84
CA ILE E 216 46.08 12.37 -12.92
C ILE E 216 46.38 13.59 -13.76
N SER E 217 45.69 14.69 -13.50
CA SER E 217 45.85 15.89 -14.32
C SER E 217 47.09 16.69 -13.91
N ARG E 218 47.12 17.18 -12.68
CA ARG E 218 48.19 18.05 -12.20
C ARG E 218 48.64 17.52 -10.84
N LEU E 219 49.81 16.87 -10.83
CA LEU E 219 50.29 16.21 -9.62
C LEU E 219 50.73 17.22 -8.57
N GLU E 220 50.26 17.01 -7.34
CA GLU E 220 50.64 17.80 -6.18
C GLU E 220 51.56 16.98 -5.30
N ALA E 221 51.99 17.57 -4.18
CA ALA E 221 53.00 16.93 -3.36
C ALA E 221 52.43 15.82 -2.49
N GLU E 222 51.10 15.74 -2.36
CA GLU E 222 50.47 14.78 -1.47
C GLU E 222 50.02 13.50 -2.17
N ASP E 223 50.30 13.34 -3.46
CA ASP E 223 49.88 12.13 -4.16
C ASP E 223 50.93 11.03 -4.15
N VAL E 224 51.93 11.12 -3.28
CA VAL E 224 52.99 10.11 -3.26
C VAL E 224 52.54 8.94 -2.40
N GLY E 225 52.47 7.76 -2.99
CA GLY E 225 52.05 6.56 -2.29
C GLY E 225 51.78 5.45 -3.26
N VAL E 226 51.32 4.33 -2.72
CA VAL E 226 51.06 3.14 -3.51
C VAL E 226 49.62 3.12 -3.98
N TYR E 227 49.36 2.36 -5.04
CA TYR E 227 48.06 2.25 -5.69
C TYR E 227 47.68 0.79 -5.90
N TYR E 228 46.39 0.49 -5.79
CA TYR E 228 45.89 -0.86 -5.92
C TYR E 228 44.61 -0.84 -6.73
N CYS E 229 44.36 -1.92 -7.47
CA CYS E 229 43.11 -2.09 -8.19
C CYS E 229 42.47 -3.43 -7.80
N MET E 230 41.17 -3.41 -7.58
CA MET E 230 40.43 -4.54 -7.03
C MET E 230 39.24 -4.84 -7.92
N GLN E 231 38.88 -6.12 -8.01
CA GLN E 231 37.70 -6.55 -8.75
C GLN E 231 36.59 -6.96 -7.79
N HIS E 232 35.35 -6.73 -8.19
CA HIS E 232 34.21 -7.15 -7.39
C HIS E 232 33.13 -7.77 -8.28
N LEU E 233 33.54 -8.58 -9.26
CA LEU E 233 32.57 -9.22 -10.15
C LEU E 233 32.17 -10.59 -9.64
N GLU E 234 33.13 -11.48 -9.45
CA GLU E 234 32.87 -12.81 -8.91
C GLU E 234 33.58 -12.81 -7.57
N TYR E 235 33.18 -13.68 -6.63
CA TYR E 235 33.27 -13.25 -5.24
C TYR E 235 34.65 -13.24 -4.61
N PRO E 236 35.53 -14.26 -4.74
CA PRO E 236 36.84 -14.16 -4.07
C PRO E 236 37.67 -13.00 -4.59
N LEU E 237 37.76 -11.95 -3.76
CA LEU E 237 38.19 -10.61 -4.14
C LEU E 237 39.70 -10.62 -4.27
N THR E 238 40.19 -10.04 -5.35
CA THR E 238 41.61 -10.09 -5.69
C THR E 238 42.15 -8.70 -5.89
N PHE E 239 43.26 -8.39 -5.23
CA PHE E 239 43.95 -7.12 -5.38
C PHE E 239 45.12 -7.28 -6.33
N GLY E 240 45.47 -6.19 -7.00
CA GLY E 240 46.70 -6.12 -7.76
C GLY E 240 47.89 -5.95 -6.84
N ALA E 241 49.07 -5.89 -7.45
CA ALA E 241 50.27 -5.60 -6.70
C ALA E 241 50.46 -4.10 -6.56
N GLY E 242 51.56 -3.70 -5.95
CA GLY E 242 51.74 -2.30 -5.60
C GLY E 242 52.47 -1.45 -6.62
N THR E 243 51.78 -0.45 -7.16
CA THR E 243 52.43 0.55 -7.99
C THR E 243 52.78 1.78 -7.17
N LYS E 244 54.07 2.09 -7.09
CA LYS E 244 54.57 3.17 -6.26
C LYS E 244 54.87 4.39 -7.10
N LEU E 245 54.41 5.56 -6.65
CA LEU E 245 54.87 6.84 -7.17
C LEU E 245 55.95 7.41 -6.25
N GLU E 246 57.01 7.91 -6.87
CA GLU E 246 58.07 8.63 -6.16
C GLU E 246 58.43 9.87 -6.96
N LEU E 247 58.96 10.88 -6.28
CA LEU E 247 59.32 12.12 -6.93
C LEU E 247 60.76 12.08 -7.43
C01 YVF F . -20.50 -52.04 -1.97
C03 YVF F . -20.82 -50.19 -3.39
C04 YVF F . -20.72 -48.70 -3.71
C05 YVF F . -19.46 -48.48 -4.51
C06 YVF F . -19.35 -48.65 -5.92
C07 YVF F . -17.93 -48.34 -6.37
C08 YVF F . -17.15 -47.95 -5.22
C10 YVF F . -21.90 -48.25 -4.56
C12 YVF F . -21.45 -47.89 -1.37
C13 YVF F . -21.13 -46.97 -0.21
C16 YVF F . -18.90 -45.39 2.05
C17 YVF F . -17.97 -46.38 2.32
C18 YVF F . -16.80 -46.08 2.99
C19 YVF F . -15.79 -47.17 3.28
C23 YVF F . -16.55 -44.78 3.39
C24 YVF F . -17.47 -43.79 3.11
C25 YVF F . -18.64 -44.09 2.44
C26 YVF F . -21.35 -45.53 1.47
C27 YVF F . -22.08 -44.61 2.47
C28 YVF F . -22.05 -46.23 0.51
F20 YVF F . -15.92 -47.57 4.57
F21 YVF F . -14.53 -46.69 3.11
F22 YVF F . -16.00 -48.21 2.44
N11 YVF F . -20.56 -47.89 -2.52
N14 YVF F . -19.93 -46.71 0.29
N15 YVF F . -20.08 -45.83 1.32
O02 YVF F . -20.26 -50.68 -2.21
O29 YVF F . -22.42 -48.57 -1.32
O30 YVF F . -21.38 -50.91 -4.15
S09 YVF F . -18.05 -48.00 -3.89
#